data_8I27
#
_entry.id   8I27
#
_cell.length_a   61.717
_cell.length_b   80.588
_cell.length_c   77.159
_cell.angle_alpha   90.00
_cell.angle_beta   106.22
_cell.angle_gamma   90.00
#
_symmetry.space_group_name_H-M   'P 1 21 1'
#
loop_
_entity.id
_entity.type
_entity.pdbx_description
1 polymer 'Tryptophan--tRNA ligase'
2 non-polymer 4-methoxybenzenecarbonitrile
3 non-polymer 'SULFATE ION'
4 non-polymer "TRYPTOPHANYL-5'AMP"
5 non-polymer 1,2-ETHANEDIOL
6 water water
#
_entity_poly.entity_id   1
_entity_poly.type   'polypeptide(L)'
_entity_poly.pdbx_seq_one_letter_code
;MTKPIVFSGAQPSGELTIGNYMGALRQWVNMQDDYHCIYCIVDQHAITVRQDAQKLRKATLDTLALYLACGIDPEKSTIF
VQSHVPEHAQLGWALNCYTYFGELSRMTQFKDKSARYAENINAGLFDYPVLMAADILLYQTNLVPVGEDQKQHLELSRDI
AQRFNALYGEIFKVPEPFIPKSGARVMSLLEPTKKMSKSDDNRNNVIGLLEDPKSVVKKIKRAVTDSDEPPVVRYDVQNK
AGVSNLLDILSAVTGQSIPELEKQFEGKMYGHLKGEVADAVSGMLTELQERYHRFRNDEAFLQQVMKDGAEKASAHASRT
LKAVYEAIGFVAKRHHHHHH
;
_entity_poly.pdbx_strand_id   A,B
#
loop_
_chem_comp.id
_chem_comp.type
_chem_comp.name
_chem_comp.formula
EDO non-polymer 1,2-ETHANEDIOL 'C2 H6 O2'
O8C non-polymer 4-methoxybenzenecarbonitrile 'C8 H7 N O'
SO4 non-polymer 'SULFATE ION' 'O4 S -2'
TYM non-polymer TRYPTOPHANYL-5'AMP 'C21 H24 N7 O8 P'
#
# COMPACT_ATOMS: atom_id res chain seq x y z
N LYS A 3 4.51 -30.46 0.33
CA LYS A 3 4.58 -29.91 1.73
C LYS A 3 3.69 -28.68 1.85
N PRO A 4 3.00 -28.50 3.00
CA PRO A 4 2.30 -27.24 3.17
C PRO A 4 3.24 -26.04 3.28
N ILE A 5 2.77 -24.90 2.80
CA ILE A 5 3.51 -23.64 2.87
C ILE A 5 3.13 -22.91 4.15
N VAL A 6 4.15 -22.48 4.89
CA VAL A 6 4.01 -21.82 6.18
C VAL A 6 4.63 -20.43 6.06
N PHE A 7 3.89 -19.39 6.47
CA PHE A 7 4.38 -18.00 6.40
C PHE A 7 4.46 -17.39 7.79
N SER A 8 5.61 -16.79 8.11
CA SER A 8 5.83 -16.08 9.37
C SER A 8 6.50 -14.74 9.06
N GLY A 9 5.95 -13.68 9.66
CA GLY A 9 6.54 -12.35 9.59
C GLY A 9 7.42 -12.13 10.81
N ALA A 10 8.64 -11.64 10.58
CA ALA A 10 9.60 -11.36 11.65
C ALA A 10 9.85 -9.85 11.73
N GLN A 11 9.50 -9.24 12.87
CA GLN A 11 9.67 -7.80 13.06
C GLN A 11 11.16 -7.44 13.24
N PRO A 12 11.69 -6.52 12.40
CA PRO A 12 13.08 -6.07 12.55
C PRO A 12 13.22 -4.97 13.61
N SER A 13 13.08 -5.39 14.87
CA SER A 13 13.02 -4.51 16.05
C SER A 13 12.69 -5.30 17.33
N GLY A 14 11.92 -6.38 17.20
CA GLY A 14 11.68 -7.29 18.31
C GLY A 14 12.95 -7.75 18.98
N GLU A 15 13.10 -7.41 20.26
CA GLU A 15 14.19 -7.89 21.10
C GLU A 15 13.74 -9.23 21.67
N LEU A 16 14.13 -10.31 20.98
CA LEU A 16 13.65 -11.67 21.28
C LEU A 16 14.13 -12.19 22.63
N THR A 17 13.31 -13.03 23.24
CA THR A 17 13.58 -13.60 24.56
C THR A 17 13.79 -15.11 24.48
N ILE A 18 14.18 -15.69 25.60
CA ILE A 18 14.29 -17.16 25.70
C ILE A 18 12.94 -17.86 25.51
N GLY A 19 11.84 -17.17 25.83
CA GLY A 19 10.49 -17.66 25.57
C GLY A 19 10.20 -17.83 24.09
N ASN A 20 10.56 -16.79 23.31
CA ASN A 20 10.45 -16.84 21.84
C ASN A 20 11.26 -17.98 21.26
N TYR A 21 12.49 -18.15 21.75
CA TYR A 21 13.39 -19.16 21.23
C TYR A 21 12.97 -20.58 21.62
N MET A 22 12.92 -20.86 22.92
CA MET A 22 12.58 -22.21 23.40
C MET A 22 11.13 -22.60 23.12
N GLY A 23 10.26 -21.60 22.97
CA GLY A 23 8.90 -21.84 22.52
C GLY A 23 8.83 -22.03 21.01
N ALA A 24 8.36 -20.98 20.33
CA ALA A 24 7.99 -21.08 18.91
C ALA A 24 9.17 -21.34 17.99
N LEU A 25 10.28 -20.64 18.18
CA LEU A 25 11.36 -20.67 17.21
C LEU A 25 12.04 -22.05 17.15
N ARG A 26 12.37 -22.61 18.30
CA ARG A 26 12.99 -23.95 18.36
C ARG A 26 12.04 -25.02 17.79
N GLN A 27 10.74 -24.89 18.07
CA GLN A 27 9.69 -25.73 17.48
C GLN A 27 9.80 -25.74 15.94
N TRP A 28 9.88 -24.54 15.37
CA TRP A 28 9.89 -24.38 13.91
C TRP A 28 11.21 -24.70 13.23
N VAL A 29 12.33 -24.45 13.91
CA VAL A 29 13.64 -24.84 13.40
C VAL A 29 13.70 -26.35 13.10
N ASN A 30 13.06 -27.15 13.95
CA ASN A 30 13.03 -28.61 13.78
C ASN A 30 11.92 -29.13 12.86
N MET A 31 11.22 -28.24 12.15
CA MET A 31 10.17 -28.62 11.20
C MET A 31 10.41 -28.07 9.79
N GLN A 32 11.65 -27.69 9.50
CA GLN A 32 12.00 -27.09 8.21
C GLN A 32 11.96 -28.08 7.03
N ASP A 33 12.05 -29.37 7.29
CA ASP A 33 11.87 -30.41 6.26
C ASP A 33 10.42 -30.93 6.15
N ASP A 34 9.60 -30.66 7.16
CA ASP A 34 8.19 -31.06 7.18
C ASP A 34 7.29 -30.12 6.39
N TYR A 35 7.66 -28.84 6.37
CA TYR A 35 6.90 -27.78 5.71
C TYR A 35 7.82 -26.96 4.82
N HIS A 36 7.21 -26.27 3.86
CA HIS A 36 7.89 -25.25 3.06
C HIS A 36 7.76 -23.93 3.83
N CYS A 37 8.75 -23.61 4.65
CA CYS A 37 8.65 -22.46 5.57
C CYS A 37 9.19 -21.18 4.93
N ILE A 38 8.46 -20.08 5.13
CA ILE A 38 8.83 -18.76 4.64
C ILE A 38 8.95 -17.81 5.83
N TYR A 39 10.07 -17.09 5.90
CA TYR A 39 10.33 -16.11 6.96
C TYR A 39 10.59 -14.77 6.29
N CYS A 40 9.69 -13.82 6.58
CA CYS A 40 9.71 -12.53 5.93
C CYS A 40 10.06 -11.50 6.99
N ILE A 41 11.20 -10.84 6.84
CA ILE A 41 11.61 -9.78 7.75
C ILE A 41 10.83 -8.53 7.33
N VAL A 42 9.88 -8.13 8.15
CA VAL A 42 8.83 -7.18 7.71
C VAL A 42 9.17 -5.72 7.95
N ASP A 43 10.14 -5.23 7.19
CA ASP A 43 10.60 -3.84 7.30
C ASP A 43 9.54 -2.83 6.87
N GLN A 44 8.69 -3.19 5.90
CA GLN A 44 7.57 -2.32 5.51
C GLN A 44 6.52 -2.19 6.62
N HIS A 45 6.32 -3.23 7.43
CA HIS A 45 5.46 -3.13 8.61
C HIS A 45 6.11 -2.30 9.73
N ALA A 46 7.43 -2.42 9.87
CA ALA A 46 8.18 -1.70 10.91
C ALA A 46 8.00 -0.18 10.85
N ILE A 47 7.93 0.37 9.64
CA ILE A 47 7.85 1.82 9.45
C ILE A 47 6.48 2.44 9.75
N THR A 48 5.48 1.64 10.13
CA THR A 48 4.21 2.14 10.68
C THR A 48 4.44 2.87 12.02
N VAL A 49 5.56 2.57 12.68
CA VAL A 49 6.07 3.34 13.82
C VAL A 49 7.34 4.05 13.36
N ARG A 50 7.38 5.37 13.54
CA ARG A 50 8.55 6.14 13.14
C ARG A 50 9.76 5.73 13.96
N GLN A 51 10.89 5.63 13.29
CA GLN A 51 12.14 5.26 13.97
C GLN A 51 13.34 5.72 13.19
N ASP A 52 14.49 5.64 13.85
CA ASP A 52 15.75 6.06 13.29
C ASP A 52 16.11 5.13 12.14
N ALA A 53 16.45 5.73 11.00
CA ALA A 53 16.75 5.00 9.76
C ALA A 53 17.92 4.05 9.91
N GLN A 54 19.01 4.56 10.48
CA GLN A 54 20.22 3.75 10.70
C GLN A 54 19.96 2.55 11.62
N LYS A 55 19.16 2.77 12.66
CA LYS A 55 18.78 1.69 13.60
C LYS A 55 17.89 0.63 12.93
N LEU A 56 17.00 1.07 12.04
CA LEU A 56 16.14 0.14 11.29
C LEU A 56 16.95 -0.75 10.35
N ARG A 57 17.90 -0.15 9.63
CA ARG A 57 18.80 -0.92 8.76
C ARG A 57 19.57 -1.97 9.57
N LYS A 58 20.17 -1.51 10.67
CA LYS A 58 20.90 -2.40 11.59
C LYS A 58 20.01 -3.51 12.16
N ALA A 59 18.80 -3.15 12.57
CA ALA A 59 17.86 -4.12 13.16
C ALA A 59 17.41 -5.18 12.17
N THR A 60 17.28 -4.81 10.89
CA THR A 60 16.95 -5.78 9.84
C THR A 60 18.03 -6.86 9.73
N LEU A 61 19.29 -6.45 9.74
CA LEU A 61 20.42 -7.38 9.64
C LEU A 61 20.60 -8.18 10.95
N ASP A 62 20.40 -7.52 12.09
CA ASP A 62 20.42 -8.19 13.41
C ASP A 62 19.41 -9.33 13.44
N THR A 63 18.19 -9.05 12.99
CA THR A 63 17.11 -10.04 12.97
C THR A 63 17.45 -11.21 12.05
N LEU A 64 17.97 -10.92 10.86
CA LEU A 64 18.38 -11.95 9.92
C LEU A 64 19.41 -12.89 10.54
N ALA A 65 20.46 -12.31 11.13
CA ALA A 65 21.54 -13.08 11.72
C ALA A 65 21.06 -13.93 12.92
N LEU A 66 20.14 -13.37 13.71
CA LEU A 66 19.57 -14.08 14.85
C LEU A 66 18.73 -15.29 14.44
N TYR A 67 17.89 -15.12 13.41
CA TYR A 67 17.11 -16.23 12.87
C TYR A 67 18.01 -17.34 12.32
N LEU A 68 19.07 -16.94 11.62
CA LEU A 68 20.08 -17.89 11.12
C LEU A 68 20.77 -18.60 12.30
N ALA A 69 21.19 -17.82 13.30
CA ALA A 69 21.80 -18.36 14.52
C ALA A 69 20.90 -19.38 15.26
N CYS A 70 19.61 -19.09 15.32
CA CYS A 70 18.63 -20.01 15.94
C CYS A 70 18.45 -21.33 15.18
N GLY A 71 18.87 -21.38 13.92
CA GLY A 71 18.85 -22.60 13.12
C GLY A 71 18.02 -22.55 11.85
N ILE A 72 17.47 -21.39 11.51
CA ILE A 72 16.79 -21.25 10.23
C ILE A 72 17.83 -21.38 9.15
N ASP A 73 17.61 -22.35 8.26
CA ASP A 73 18.55 -22.76 7.25
C ASP A 73 18.07 -22.19 5.91
N PRO A 74 18.85 -21.26 5.31
CA PRO A 74 18.43 -20.64 4.05
C PRO A 74 18.39 -21.56 2.82
N GLU A 75 18.88 -22.79 2.94
CA GLU A 75 18.73 -23.81 1.89
C GLU A 75 17.50 -24.70 2.08
N LYS A 76 16.96 -24.78 3.31
CA LYS A 76 15.71 -25.49 3.58
C LYS A 76 14.51 -24.57 3.49
N SER A 77 14.59 -23.43 4.18
CA SER A 77 13.51 -22.44 4.25
C SER A 77 13.84 -21.22 3.40
N THR A 78 12.82 -20.41 3.12
CA THR A 78 13.02 -19.13 2.42
C THR A 78 13.02 -18.01 3.45
N ILE A 79 14.11 -17.25 3.52
CA ILE A 79 14.18 -16.08 4.40
C ILE A 79 14.61 -14.87 3.58
N PHE A 80 13.87 -13.77 3.72
CA PHE A 80 14.09 -12.58 2.90
C PHE A 80 13.55 -11.34 3.58
N VAL A 81 13.93 -10.17 3.04
CA VAL A 81 13.50 -8.88 3.54
C VAL A 81 12.28 -8.45 2.72
N GLN A 82 11.18 -8.14 3.40
CA GLN A 82 9.90 -7.78 2.76
C GLN A 82 10.03 -6.75 1.63
N SER A 83 10.71 -5.64 1.90
CA SER A 83 10.86 -4.55 0.92
C SER A 83 11.62 -4.94 -0.35
N HIS A 84 12.37 -6.05 -0.32
CA HIS A 84 13.08 -6.58 -1.49
C HIS A 84 12.18 -7.24 -2.53
N VAL A 85 10.91 -7.48 -2.18
CA VAL A 85 9.96 -8.15 -3.05
C VAL A 85 8.80 -7.18 -3.31
N PRO A 86 8.81 -6.45 -4.45
CA PRO A 86 7.78 -5.44 -4.75
C PRO A 86 6.35 -5.97 -4.73
N GLU A 87 6.18 -7.25 -5.03
CA GLU A 87 4.88 -7.91 -5.09
C GLU A 87 4.04 -7.73 -3.82
N HIS A 88 4.69 -7.62 -2.66
CA HIS A 88 3.99 -7.38 -1.39
C HIS A 88 3.19 -6.08 -1.40
N ALA A 89 3.85 -4.99 -1.78
CA ALA A 89 3.18 -3.70 -1.93
C ALA A 89 2.13 -3.71 -3.05
N GLN A 90 2.44 -4.38 -4.15
CA GLN A 90 1.50 -4.45 -5.29
C GLN A 90 0.21 -5.16 -4.91
N LEU A 91 0.34 -6.34 -4.32
CA LEU A 91 -0.85 -7.08 -3.87
C LEU A 91 -1.58 -6.34 -2.75
N GLY A 92 -0.83 -5.72 -1.85
CA GLY A 92 -1.40 -4.89 -0.79
C GLY A 92 -2.36 -3.83 -1.30
N TRP A 93 -1.96 -3.10 -2.33
CA TRP A 93 -2.83 -2.08 -2.92
C TRP A 93 -4.09 -2.72 -3.52
N ALA A 94 -3.89 -3.77 -4.30
CA ALA A 94 -5.02 -4.49 -4.91
C ALA A 94 -6.01 -4.98 -3.86
N LEU A 95 -5.52 -5.59 -2.79
CA LEU A 95 -6.41 -6.10 -1.74
C LEU A 95 -7.11 -5.00 -0.94
N ASN A 96 -6.53 -3.81 -0.83
CA ASN A 96 -7.23 -2.64 -0.27
C ASN A 96 -8.59 -2.44 -0.92
N CYS A 97 -8.64 -2.62 -2.24
CA CYS A 97 -9.89 -2.48 -3.00
C CYS A 97 -10.93 -3.59 -2.79
N TYR A 98 -10.55 -4.67 -2.09
CA TYR A 98 -11.48 -5.74 -1.69
C TYR A 98 -11.54 -5.91 -0.17
N THR A 99 -11.17 -4.86 0.56
CA THR A 99 -11.26 -4.80 2.02
C THR A 99 -12.20 -3.66 2.36
N TYR A 100 -13.19 -3.93 3.21
CA TYR A 100 -14.11 -2.90 3.69
C TYR A 100 -13.38 -1.98 4.68
N PHE A 101 -13.58 -0.68 4.52
CA PHE A 101 -13.14 0.31 5.51
C PHE A 101 -13.55 -0.12 6.93
N GLY A 102 -14.81 -0.51 7.08
CA GLY A 102 -15.35 -1.03 8.34
C GLY A 102 -14.55 -2.13 9.02
N GLU A 103 -14.05 -3.08 8.22
CA GLU A 103 -13.21 -4.18 8.73
C GLU A 103 -11.91 -3.68 9.36
N LEU A 104 -11.32 -2.64 8.76
CA LEU A 104 -10.12 -2.01 9.31
C LEU A 104 -10.40 -1.13 10.53
N SER A 105 -11.49 -0.37 10.49
CA SER A 105 -11.88 0.47 11.64
C SER A 105 -12.23 -0.37 12.88
N ARG A 106 -12.76 -1.58 12.65
CA ARG A 106 -13.10 -2.51 13.74
C ARG A 106 -11.92 -3.32 14.30
N MET A 107 -10.73 -3.20 13.73
CA MET A 107 -9.54 -3.90 14.26
C MET A 107 -9.25 -3.43 15.69
N THR A 108 -8.85 -4.38 16.54
CA THR A 108 -8.72 -4.15 17.98
C THR A 108 -7.47 -3.33 18.31
N GLU A 119 -7.32 10.42 14.72
CA GLU A 119 -7.01 11.26 13.57
C GLU A 119 -5.51 11.58 13.42
N ASN A 120 -4.75 11.54 14.53
CA ASN A 120 -3.29 11.69 14.55
C ASN A 120 -2.50 10.40 14.29
N ILE A 121 -3.21 9.29 14.06
CA ILE A 121 -2.63 8.00 13.70
C ILE A 121 -2.23 8.06 12.21
N ASN A 122 -1.09 7.48 11.84
CA ASN A 122 -0.70 7.42 10.42
C ASN A 122 -1.48 6.33 9.69
N ALA A 123 -1.65 6.52 8.38
CA ALA A 123 -2.48 5.62 7.55
C ALA A 123 -1.88 4.21 7.43
N GLY A 124 -0.57 4.09 7.59
CA GLY A 124 0.10 2.79 7.63
C GLY A 124 -0.36 1.94 8.79
N LEU A 125 -0.51 2.57 9.95
CA LEU A 125 -0.97 1.88 11.15
C LEU A 125 -2.43 1.43 11.00
N PHE A 126 -3.24 2.21 10.27
CA PHE A 126 -4.60 1.84 9.92
C PHE A 126 -4.66 0.70 8.89
N ASP A 127 -3.80 0.76 7.88
CA ASP A 127 -3.89 -0.10 6.69
C ASP A 127 -3.02 -1.36 6.71
N TYR A 128 -2.14 -1.50 7.70
CA TYR A 128 -1.19 -2.63 7.69
C TYR A 128 -1.83 -4.03 7.72
N PRO A 129 -3.05 -4.19 8.29
CA PRO A 129 -3.65 -5.53 8.19
C PRO A 129 -3.88 -6.01 6.75
N VAL A 130 -4.10 -5.09 5.81
CA VAL A 130 -4.24 -5.47 4.40
C VAL A 130 -2.88 -5.90 3.82
N LEU A 131 -1.82 -5.18 4.17
CA LEU A 131 -0.48 -5.60 3.74
C LEU A 131 -0.13 -6.99 4.28
N MET A 132 -0.48 -7.24 5.54
CA MET A 132 -0.30 -8.56 6.15
C MET A 132 -1.05 -9.65 5.38
N ALA A 133 -2.28 -9.36 4.97
CA ALA A 133 -3.06 -10.26 4.12
C ALA A 133 -2.31 -10.55 2.82
N ALA A 134 -1.78 -9.51 2.19
CA ALA A 134 -1.00 -9.66 0.96
C ALA A 134 0.25 -10.50 1.21
N ASP A 135 0.96 -10.22 2.31
CA ASP A 135 2.17 -10.98 2.67
C ASP A 135 1.90 -12.48 2.64
N ILE A 136 0.78 -12.88 3.23
CA ILE A 136 0.40 -14.30 3.37
C ILE A 136 -0.12 -14.90 2.06
N LEU A 137 -1.06 -14.21 1.44
CA LEU A 137 -1.74 -14.72 0.25
C LEU A 137 -0.84 -14.81 -0.98
N LEU A 138 0.21 -13.99 -1.06
CA LEU A 138 1.19 -14.05 -2.17
C LEU A 138 1.80 -15.44 -2.37
N TYR A 139 2.05 -16.15 -1.27
CA TYR A 139 2.77 -17.42 -1.32
C TYR A 139 1.90 -18.67 -1.22
N GLN A 140 0.60 -18.54 -1.52
CA GLN A 140 -0.34 -19.66 -1.47
C GLN A 140 -0.23 -20.38 -0.13
N THR A 141 -0.16 -19.58 0.93
CA THR A 141 0.16 -20.05 2.26
C THR A 141 -0.98 -20.92 2.80
N ASN A 142 -0.60 -22.06 3.37
CA ASN A 142 -1.54 -22.99 3.98
C ASN A 142 -1.70 -22.75 5.48
N LEU A 143 -0.58 -22.45 6.16
CA LEU A 143 -0.53 -22.35 7.61
C LEU A 143 0.19 -21.07 8.05
N VAL A 144 -0.36 -20.41 9.06
CA VAL A 144 0.26 -19.21 9.64
C VAL A 144 0.30 -19.36 11.17
N PRO A 145 1.51 -19.49 11.75
CA PRO A 145 1.59 -19.58 13.20
C PRO A 145 1.42 -18.21 13.85
N VAL A 146 0.21 -17.93 14.34
CA VAL A 146 -0.11 -16.63 14.93
C VAL A 146 -0.21 -16.71 16.45
N GLY A 147 0.14 -15.61 17.11
CA GLY A 147 -0.19 -15.39 18.52
C GLY A 147 -1.61 -14.85 18.64
N GLU A 148 -2.11 -14.80 19.87
CA GLU A 148 -3.47 -14.31 20.16
C GLU A 148 -3.75 -12.92 19.59
N ASP A 149 -2.78 -12.01 19.71
CA ASP A 149 -2.90 -10.63 19.19
C ASP A 149 -3.03 -10.51 17.66
N GLN A 150 -2.66 -11.55 16.93
CA GLN A 150 -2.71 -11.57 15.46
C GLN A 150 -3.89 -12.39 14.90
N LYS A 151 -4.75 -12.92 15.76
CA LYS A 151 -5.89 -13.75 15.34
C LYS A 151 -6.87 -13.00 14.44
N GLN A 152 -7.18 -11.76 14.81
CA GLN A 152 -8.06 -10.88 14.02
C GLN A 152 -7.49 -10.63 12.61
N HIS A 153 -6.18 -10.44 12.54
CA HIS A 153 -5.48 -10.16 11.29
C HIS A 153 -5.56 -11.36 10.35
N LEU A 154 -5.33 -12.56 10.91
CA LEU A 154 -5.47 -13.79 10.14
C LEU A 154 -6.90 -13.97 9.63
N GLU A 155 -7.88 -13.69 10.48
CA GLU A 155 -9.28 -13.82 10.09
C GLU A 155 -9.62 -12.90 8.89
N LEU A 156 -9.12 -11.67 8.93
CA LEU A 156 -9.29 -10.74 7.80
C LEU A 156 -8.66 -11.30 6.52
N SER A 157 -7.46 -11.88 6.63
CA SER A 157 -6.79 -12.48 5.47
C SER A 157 -7.63 -13.59 4.84
N ARG A 158 -8.26 -14.39 5.69
CA ARG A 158 -9.13 -15.46 5.22
C ARG A 158 -10.39 -14.91 4.55
N ASP A 159 -10.96 -13.86 5.12
CA ASP A 159 -12.16 -13.21 4.56
C ASP A 159 -11.87 -12.55 3.22
N ILE A 160 -10.73 -11.85 3.13
CA ILE A 160 -10.29 -11.26 1.86
C ILE A 160 -10.12 -12.35 0.79
N ALA A 161 -9.38 -13.41 1.14
CA ALA A 161 -9.14 -14.54 0.21
C ALA A 161 -10.44 -15.14 -0.32
N GLN A 162 -11.38 -15.42 0.58
CA GLN A 162 -12.66 -16.03 0.19
C GLN A 162 -13.52 -15.08 -0.65
N ARG A 163 -13.53 -13.80 -0.27
CA ARG A 163 -14.22 -12.77 -1.02
C ARG A 163 -13.69 -12.64 -2.45
N PHE A 164 -12.37 -12.57 -2.59
CA PHE A 164 -11.72 -12.46 -3.90
C PHE A 164 -11.95 -13.72 -4.74
N ASN A 165 -11.76 -14.89 -4.13
CA ASN A 165 -12.03 -16.17 -4.80
C ASN A 165 -13.48 -16.31 -5.30
N ALA A 166 -14.44 -15.86 -4.50
CA ALA A 166 -15.85 -15.89 -4.89
C ALA A 166 -16.14 -15.02 -6.13
N LEU A 167 -15.42 -13.91 -6.28
CA LEU A 167 -15.58 -13.05 -7.47
C LEU A 167 -14.85 -13.58 -8.69
N TYR A 168 -13.63 -14.10 -8.51
CA TYR A 168 -12.71 -14.37 -9.62
C TYR A 168 -12.29 -15.82 -9.84
N GLY A 169 -12.71 -16.74 -8.97
CA GLY A 169 -12.26 -18.14 -9.02
C GLY A 169 -11.16 -18.38 -8.01
N GLU A 170 -10.69 -19.62 -7.92
CA GLU A 170 -9.75 -20.01 -6.87
C GLU A 170 -8.33 -19.53 -7.17
N ILE A 171 -8.09 -18.25 -6.86
CA ILE A 171 -6.80 -17.60 -7.06
C ILE A 171 -5.92 -17.80 -5.82
N PHE A 172 -6.48 -17.63 -4.63
CA PHE A 172 -5.74 -17.77 -3.37
C PHE A 172 -6.08 -19.07 -2.63
N LYS A 173 -5.13 -19.55 -1.84
CA LYS A 173 -5.42 -20.51 -0.79
C LYS A 173 -5.98 -19.73 0.38
N VAL A 174 -6.94 -20.33 1.08
CA VAL A 174 -7.46 -19.78 2.33
C VAL A 174 -6.53 -20.29 3.43
N PRO A 175 -5.77 -19.40 4.08
CA PRO A 175 -4.81 -19.87 5.08
C PRO A 175 -5.49 -20.30 6.40
N GLU A 176 -4.81 -21.18 7.13
CA GLU A 176 -5.30 -21.65 8.42
C GLU A 176 -4.30 -21.28 9.50
N PRO A 177 -4.77 -21.09 10.74
CA PRO A 177 -3.83 -20.93 11.84
C PRO A 177 -3.11 -22.26 12.10
N PHE A 178 -1.85 -22.18 12.54
CA PHE A 178 -1.11 -23.35 12.98
C PHE A 178 -1.47 -23.53 14.45
N ILE A 179 -2.25 -24.56 14.74
CA ILE A 179 -2.90 -24.69 16.06
C ILE A 179 -1.94 -25.15 17.19
N PRO A 180 -1.18 -26.24 16.99
CA PRO A 180 -0.39 -26.79 18.10
C PRO A 180 0.68 -25.84 18.67
N LYS A 181 0.70 -25.71 20.00
CA LYS A 181 1.66 -24.85 20.71
C LYS A 181 2.94 -25.63 21.01
N SER A 182 4.04 -24.90 21.20
CA SER A 182 5.38 -25.50 21.36
C SER A 182 5.51 -26.47 22.54
N GLY A 183 4.89 -26.13 23.67
CA GLY A 183 4.97 -26.95 24.89
C GLY A 183 5.90 -26.38 25.95
N ALA A 184 6.91 -25.61 25.54
CA ALA A 184 7.76 -24.87 26.48
C ALA A 184 6.96 -23.76 27.16
N ARG A 185 7.21 -23.55 28.45
CA ARG A 185 6.50 -22.55 29.24
C ARG A 185 7.50 -21.61 29.90
N VAL A 186 7.47 -20.34 29.52
CA VAL A 186 8.40 -19.34 30.02
C VAL A 186 7.60 -18.12 30.46
N MET A 187 7.60 -17.85 31.77
CA MET A 187 6.85 -16.76 32.37
C MET A 187 7.78 -15.63 32.79
N SER A 188 7.17 -14.46 33.02
CA SER A 188 7.90 -13.26 33.43
C SER A 188 8.55 -13.46 34.79
N LEU A 189 9.76 -12.96 34.94
CA LEU A 189 10.57 -13.24 36.13
C LEU A 189 10.07 -12.56 37.40
N LEU A 190 9.55 -11.33 37.28
CA LEU A 190 8.98 -10.61 38.43
C LEU A 190 7.46 -10.75 38.53
N GLU A 191 6.83 -11.35 37.51
CA GLU A 191 5.38 -11.54 37.48
C GLU A 191 5.10 -12.91 36.87
N PRO A 192 5.42 -14.00 37.60
CA PRO A 192 5.35 -15.36 37.05
C PRO A 192 3.96 -15.86 36.64
N THR A 193 2.90 -15.11 36.94
CA THR A 193 1.56 -15.43 36.45
C THR A 193 1.37 -15.08 34.97
N LYS A 194 2.17 -14.15 34.43
CA LYS A 194 2.07 -13.77 33.00
C LYS A 194 3.28 -14.21 32.16
N LYS A 195 3.02 -14.44 30.87
CA LYS A 195 4.03 -14.97 29.96
C LYS A 195 5.17 -14.00 29.73
N MET A 196 6.37 -14.53 29.56
CA MET A 196 7.52 -13.72 29.19
C MET A 196 7.29 -13.32 27.73
N SER A 197 7.24 -12.02 27.48
CA SER A 197 6.90 -11.47 26.17
C SER A 197 7.99 -10.51 25.72
N LYS A 198 8.34 -10.57 24.45
CA LYS A 198 9.26 -9.59 23.84
C LYS A 198 8.66 -8.18 23.75
N SER A 199 7.37 -8.02 24.04
CA SER A 199 6.74 -6.70 24.09
C SER A 199 6.75 -6.04 25.48
N ASP A 200 7.29 -6.73 26.50
CA ASP A 200 7.26 -6.21 27.88
C ASP A 200 8.13 -4.96 28.00
N ASP A 201 7.53 -3.88 28.50
CA ASP A 201 8.25 -2.63 28.81
C ASP A 201 9.32 -2.87 29.87
N ASN A 202 8.92 -3.55 30.95
CA ASN A 202 9.85 -3.95 32.01
C ASN A 202 10.75 -5.10 31.52
N ARG A 203 12.00 -4.77 31.23
CA ARG A 203 12.97 -5.76 30.73
C ARG A 203 13.56 -6.68 31.80
N ASN A 204 13.39 -6.35 33.09
CA ASN A 204 13.76 -7.26 34.18
C ASN A 204 12.86 -8.51 34.24
N ASN A 205 11.67 -8.44 33.62
CA ASN A 205 10.82 -9.62 33.43
C ASN A 205 11.33 -10.63 32.39
N VAL A 206 12.24 -10.23 31.50
CA VAL A 206 12.66 -11.08 30.37
C VAL A 206 14.16 -11.37 30.37
N ILE A 207 14.53 -12.46 29.71
CA ILE A 207 15.92 -12.75 29.38
C ILE A 207 16.04 -12.65 27.86
N GLY A 208 16.70 -11.60 27.38
CA GLY A 208 17.00 -11.44 25.96
C GLY A 208 18.03 -12.44 25.47
N LEU A 209 17.92 -12.82 24.20
CA LEU A 209 18.83 -13.83 23.60
C LEU A 209 20.30 -13.40 23.50
N LEU A 210 20.57 -12.10 23.53
CA LEU A 210 21.95 -11.60 23.46
C LEU A 210 22.54 -11.15 24.81
N GLU A 211 21.91 -11.54 25.92
CA GLU A 211 22.42 -11.19 27.25
C GLU A 211 23.61 -12.06 27.65
N ASP A 212 24.59 -11.47 28.33
CA ASP A 212 25.77 -12.20 28.81
C ASP A 212 25.48 -12.91 30.16
N PRO A 213 26.34 -13.87 30.57
CA PRO A 213 26.19 -14.58 31.85
C PRO A 213 25.92 -13.72 33.09
N LYS A 214 26.58 -12.57 33.20
CA LYS A 214 26.39 -11.64 34.32
C LYS A 214 24.99 -11.02 34.36
N SER A 215 24.48 -10.62 33.19
CA SER A 215 23.12 -10.08 33.09
C SER A 215 22.06 -11.13 33.46
N VAL A 216 22.28 -12.36 33.01
CA VAL A 216 21.33 -13.47 33.27
C VAL A 216 21.30 -13.83 34.76
N VAL A 217 22.48 -14.01 35.37
CA VAL A 217 22.61 -14.25 36.83
C VAL A 217 21.84 -13.18 37.60
N LYS A 218 22.07 -11.91 37.26
CA LYS A 218 21.41 -10.78 37.90
C LYS A 218 19.89 -10.88 37.83
N LYS A 219 19.37 -11.20 36.64
CA LYS A 219 17.93 -11.28 36.44
C LYS A 219 17.29 -12.51 37.10
N ILE A 220 17.97 -13.65 37.05
CA ILE A 220 17.48 -14.89 37.70
C ILE A 220 17.53 -14.75 39.22
N LYS A 221 18.61 -14.15 39.75
CA LYS A 221 18.71 -13.84 41.18
C LYS A 221 17.52 -13.02 41.70
N ARG A 222 17.11 -12.02 40.92
CA ARG A 222 15.96 -11.18 41.27
C ARG A 222 14.59 -11.86 41.15
N ALA A 223 14.51 -12.98 40.42
CA ALA A 223 13.22 -13.62 40.10
C ALA A 223 12.39 -13.98 41.33
N VAL A 224 11.10 -13.70 41.26
CA VAL A 224 10.17 -13.87 42.37
C VAL A 224 10.02 -15.36 42.67
N THR A 225 10.09 -15.70 43.96
CA THR A 225 9.85 -17.06 44.44
C THR A 225 8.73 -16.93 45.49
N ASP A 226 8.67 -17.87 46.43
CA ASP A 226 7.62 -17.88 47.44
C ASP A 226 8.25 -17.86 48.84
N SER A 227 7.41 -17.71 49.85
CA SER A 227 7.84 -17.68 51.24
C SER A 227 7.59 -19.01 51.98
N ASP A 228 7.58 -20.14 51.26
CA ASP A 228 7.40 -21.45 51.89
C ASP A 228 8.52 -21.73 52.90
N GLU A 229 8.14 -22.36 54.01
CA GLU A 229 9.08 -22.76 55.06
C GLU A 229 8.82 -24.22 55.44
N PRO A 230 9.79 -25.12 55.26
CA PRO A 230 11.08 -24.85 54.59
C PRO A 230 10.92 -24.52 53.11
N PRO A 231 11.91 -23.84 52.51
CA PRO A 231 11.85 -23.67 51.06
C PRO A 231 11.90 -25.04 50.38
N VAL A 232 11.03 -25.25 49.38
CA VAL A 232 10.95 -26.56 48.73
C VAL A 232 10.79 -26.37 47.21
N VAL A 233 11.65 -27.05 46.46
CA VAL A 233 11.66 -26.97 45.00
C VAL A 233 10.65 -28.00 44.49
N ARG A 234 9.40 -27.56 44.36
CA ARG A 234 8.30 -28.39 43.85
C ARG A 234 7.46 -27.61 42.85
N TYR A 235 6.91 -28.31 41.87
CA TYR A 235 6.13 -27.68 40.82
C TYR A 235 4.68 -27.47 41.28
N ASP A 236 4.23 -26.22 41.24
CA ASP A 236 2.90 -25.83 41.70
C ASP A 236 2.63 -24.42 41.19
N VAL A 237 2.00 -24.32 40.02
CA VAL A 237 1.76 -23.02 39.38
C VAL A 237 0.83 -22.13 40.22
N GLN A 238 -0.09 -22.72 40.97
CA GLN A 238 -1.06 -21.96 41.77
C GLN A 238 -0.43 -21.31 43.01
N ASN A 239 0.32 -22.09 43.77
CA ASN A 239 0.91 -21.65 45.04
C ASN A 239 2.40 -21.28 44.98
N LYS A 240 3.09 -21.73 43.93
CA LYS A 240 4.54 -21.53 43.79
C LYS A 240 4.89 -21.16 42.34
N ALA A 241 4.26 -20.09 41.84
CA ALA A 241 4.42 -19.65 40.44
C ALA A 241 5.87 -19.41 40.03
N GLY A 242 6.62 -18.72 40.89
CA GLY A 242 8.01 -18.39 40.61
C GLY A 242 8.97 -19.58 40.53
N VAL A 243 8.91 -20.44 41.54
CA VAL A 243 9.72 -21.66 41.57
C VAL A 243 9.36 -22.59 40.40
N SER A 244 8.07 -22.66 40.10
CA SER A 244 7.57 -23.45 38.97
C SER A 244 8.11 -22.93 37.64
N ASN A 245 8.13 -21.60 37.48
CA ASN A 245 8.69 -20.96 36.29
C ASN A 245 10.17 -21.30 36.12
N LEU A 246 10.92 -21.27 37.22
CA LEU A 246 12.34 -21.62 37.18
C LEU A 246 12.57 -23.08 36.77
N LEU A 247 11.71 -23.97 37.27
CA LEU A 247 11.73 -25.38 36.87
C LEU A 247 11.41 -25.56 35.38
N ASP A 248 10.37 -24.89 34.91
CA ASP A 248 9.96 -24.95 33.49
C ASP A 248 11.07 -24.43 32.57
N ILE A 249 11.69 -23.31 32.96
CA ILE A 249 12.82 -22.75 32.19
C ILE A 249 13.96 -23.78 32.15
N LEU A 250 14.30 -24.36 33.30
CA LEU A 250 15.37 -25.34 33.37
C LEU A 250 15.09 -26.58 32.55
N SER A 251 13.85 -27.08 32.63
CA SER A 251 13.42 -28.24 31.86
C SER A 251 13.49 -27.99 30.35
N ALA A 252 13.06 -26.79 29.94
CA ALA A 252 13.08 -26.40 28.53
C ALA A 252 14.51 -26.34 27.96
N VAL A 253 15.46 -25.91 28.77
CA VAL A 253 16.88 -25.83 28.37
C VAL A 253 17.52 -27.22 28.30
N THR A 254 17.39 -28.00 29.37
CA THR A 254 18.14 -29.26 29.52
C THR A 254 17.44 -30.49 28.94
N GLY A 255 16.12 -30.44 28.80
CA GLY A 255 15.32 -31.61 28.42
C GLY A 255 15.00 -32.55 29.57
N GLN A 256 15.39 -32.21 30.79
CA GLN A 256 15.06 -33.03 31.97
C GLN A 256 13.61 -32.77 32.35
N SER A 257 12.90 -33.82 32.75
CA SER A 257 11.50 -33.68 33.16
C SER A 257 11.38 -32.95 34.50
N ILE A 258 10.19 -32.45 34.77
CA ILE A 258 9.90 -31.75 36.02
C ILE A 258 10.11 -32.67 37.23
N PRO A 259 9.51 -33.89 37.23
CA PRO A 259 9.75 -34.82 38.35
C PRO A 259 11.22 -35.21 38.56
N GLU A 260 11.98 -35.28 37.47
CA GLU A 260 13.43 -35.48 37.54
C GLU A 260 14.12 -34.30 38.26
N LEU A 261 13.73 -33.08 37.91
CA LEU A 261 14.32 -31.89 38.55
C LEU A 261 13.90 -31.76 40.02
N GLU A 262 12.62 -32.03 40.32
CA GLU A 262 12.14 -32.10 41.70
C GLU A 262 12.98 -33.05 42.56
N LYS A 263 13.27 -34.24 42.03
CA LYS A 263 14.18 -35.18 42.69
C LYS A 263 15.61 -34.64 42.80
N GLN A 264 16.12 -34.05 41.73
CA GLN A 264 17.46 -33.44 41.72
C GLN A 264 17.63 -32.34 42.78
N PHE A 265 16.57 -31.55 43.02
CA PHE A 265 16.61 -30.45 44.01
C PHE A 265 16.05 -30.80 45.39
N GLU A 266 15.92 -32.10 45.66
CA GLU A 266 15.46 -32.58 46.98
C GLU A 266 16.39 -32.06 48.07
N GLY A 267 15.84 -31.34 49.05
CA GLY A 267 16.62 -30.74 50.13
C GLY A 267 17.46 -29.52 49.77
N LYS A 268 17.21 -28.93 48.60
CA LYS A 268 17.95 -27.75 48.12
C LYS A 268 17.10 -26.50 48.26
N MET A 269 17.77 -25.36 48.39
CA MET A 269 17.10 -24.07 48.56
C MET A 269 16.99 -23.39 47.18
N TYR A 270 16.29 -22.26 47.15
CA TYR A 270 16.02 -21.55 45.90
C TYR A 270 17.27 -20.90 45.29
N GLY A 271 18.25 -20.59 46.15
CA GLY A 271 19.54 -20.10 45.68
C GLY A 271 20.24 -21.07 44.76
N HIS A 272 20.25 -22.35 45.15
CA HIS A 272 20.86 -23.40 44.34
C HIS A 272 20.10 -23.64 43.02
N LEU A 273 18.77 -23.56 43.05
CA LEU A 273 17.95 -23.62 41.84
C LEU A 273 18.30 -22.50 40.87
N LYS A 274 18.27 -21.26 41.38
CA LYS A 274 18.58 -20.06 40.59
C LYS A 274 19.96 -20.13 39.94
N GLY A 275 20.93 -20.65 40.69
CA GLY A 275 22.29 -20.87 40.17
C GLY A 275 22.33 -21.87 39.03
N GLU A 276 21.61 -22.97 39.16
CA GLU A 276 21.51 -23.97 38.09
C GLU A 276 20.77 -23.44 36.85
N VAL A 277 19.72 -22.63 37.07
CA VAL A 277 18.96 -22.04 35.96
C VAL A 277 19.82 -21.04 35.19
N ALA A 278 20.48 -20.14 35.92
CA ALA A 278 21.40 -19.17 35.32
C ALA A 278 22.45 -19.84 34.44
N ASP A 279 23.12 -20.85 35.00
CA ASP A 279 24.17 -21.60 34.30
C ASP A 279 23.64 -22.29 33.06
N ALA A 280 22.48 -22.94 33.19
CA ALA A 280 21.88 -23.69 32.09
C ALA A 280 21.48 -22.76 30.94
N VAL A 281 20.74 -21.69 31.27
CA VAL A 281 20.31 -20.70 30.28
C VAL A 281 21.52 -20.06 29.57
N SER A 282 22.49 -19.58 30.34
CA SER A 282 23.70 -18.95 29.77
C SER A 282 24.55 -19.92 28.95
N GLY A 283 24.58 -21.20 29.32
CA GLY A 283 25.17 -22.24 28.48
C GLY A 283 24.51 -22.30 27.11
N MET A 284 23.17 -22.26 27.10
CA MET A 284 22.39 -22.22 25.86
C MET A 284 22.64 -20.93 25.04
N LEU A 285 22.60 -19.78 25.71
CA LEU A 285 22.74 -18.49 25.04
C LEU A 285 24.15 -18.23 24.48
N THR A 286 25.18 -18.77 25.14
CA THR A 286 26.56 -18.60 24.68
C THR A 286 26.81 -19.27 23.32
N GLU A 287 26.27 -20.47 23.10
CA GLU A 287 26.35 -21.15 21.79
C GLU A 287 25.53 -20.41 20.71
N LEU A 288 24.35 -19.94 21.08
CA LEU A 288 23.51 -19.15 20.17
C LEU A 288 24.22 -17.85 19.76
N GLN A 289 24.80 -17.17 20.74
CA GLN A 289 25.55 -15.93 20.52
C GLN A 289 26.81 -16.10 19.66
N GLU A 290 27.52 -17.23 19.80
CA GLU A 290 28.68 -17.53 18.94
C GLU A 290 28.26 -17.54 17.48
N ARG A 291 27.19 -18.29 17.19
CA ARG A 291 26.64 -18.38 15.84
C ARG A 291 26.17 -17.02 15.35
N TYR A 292 25.49 -16.27 16.23
CA TYR A 292 24.96 -14.95 15.89
C TYR A 292 26.06 -14.00 15.40
N HIS A 293 27.07 -13.80 16.23
CA HIS A 293 28.17 -12.89 15.90
C HIS A 293 28.93 -13.34 14.64
N ARG A 294 29.07 -14.65 14.46
CA ARG A 294 29.72 -15.20 13.26
C ARG A 294 28.94 -14.82 11.99
N PHE A 295 27.63 -15.04 12.01
CA PHE A 295 26.75 -14.65 10.90
C PHE A 295 26.66 -13.15 10.74
N ARG A 296 26.44 -12.45 11.85
CA ARG A 296 26.19 -11.00 11.83
C ARG A 296 27.36 -10.17 11.29
N ASN A 297 28.59 -10.61 11.59
CA ASN A 297 29.81 -9.91 11.16
C ASN A 297 30.27 -10.28 9.74
N ASP A 298 29.60 -11.24 9.10
CA ASP A 298 29.92 -11.66 7.74
C ASP A 298 28.90 -11.01 6.78
N GLU A 299 29.22 -9.80 6.35
CA GLU A 299 28.34 -9.02 5.45
C GLU A 299 28.06 -9.72 4.11
N ALA A 300 29.08 -10.36 3.56
CA ALA A 300 28.96 -11.08 2.28
C ALA A 300 27.97 -12.23 2.37
N PHE A 301 28.02 -12.98 3.49
CA PHE A 301 27.10 -14.09 3.70
C PHE A 301 25.65 -13.58 3.81
N LEU A 302 25.45 -12.54 4.61
CA LEU A 302 24.11 -11.96 4.81
C LEU A 302 23.51 -11.40 3.51
N GLN A 303 24.33 -10.71 2.73
CA GLN A 303 23.93 -10.22 1.40
C GLN A 303 23.50 -11.37 0.48
N GLN A 304 24.25 -12.46 0.49
CA GLN A 304 23.91 -13.64 -0.30
C GLN A 304 22.60 -14.30 0.16
N VAL A 305 22.41 -14.39 1.48
CA VAL A 305 21.16 -14.96 2.02
C VAL A 305 19.96 -14.11 1.57
N MET A 306 20.08 -12.79 1.70
CA MET A 306 18.98 -11.88 1.29
C MET A 306 18.68 -11.93 -0.20
N LYS A 307 19.73 -11.98 -1.01
CA LYS A 307 19.59 -12.06 -2.49
C LYS A 307 18.92 -13.35 -2.93
N ASP A 308 19.44 -14.48 -2.46
CA ASP A 308 18.87 -15.81 -2.71
C ASP A 308 17.41 -15.89 -2.27
N GLY A 309 17.13 -15.40 -1.07
CA GLY A 309 15.79 -15.45 -0.50
C GLY A 309 14.78 -14.60 -1.25
N ALA A 310 15.18 -13.37 -1.56
CA ALA A 310 14.33 -12.47 -2.36
C ALA A 310 14.07 -13.05 -3.76
N GLU A 311 15.07 -13.68 -4.37
CA GLU A 311 14.90 -14.34 -5.67
C GLU A 311 13.89 -15.50 -5.60
N LYS A 312 13.97 -16.32 -4.57
CA LYS A 312 13.02 -17.43 -4.37
C LYS A 312 11.61 -16.91 -4.12
N ALA A 313 11.50 -15.94 -3.22
CA ALA A 313 10.22 -15.31 -2.88
C ALA A 313 9.58 -14.65 -4.10
N SER A 314 10.38 -13.90 -4.85
CA SER A 314 9.91 -13.16 -6.03
C SER A 314 9.34 -14.06 -7.13
N ALA A 315 10.03 -15.17 -7.41
CA ALA A 315 9.57 -16.18 -8.37
C ALA A 315 8.15 -16.68 -8.03
N HIS A 316 7.92 -16.97 -6.76
CA HIS A 316 6.61 -17.45 -6.30
C HIS A 316 5.57 -16.32 -6.30
N ALA A 317 5.95 -15.20 -5.70
CA ALA A 317 5.06 -14.03 -5.56
C ALA A 317 4.57 -13.52 -6.92
N SER A 318 5.49 -13.45 -7.89
CA SER A 318 5.16 -12.99 -9.23
C SER A 318 4.11 -13.85 -9.93
N ARG A 319 4.14 -15.16 -9.68
CA ARG A 319 3.15 -16.08 -10.23
C ARG A 319 1.74 -15.79 -9.67
N THR A 320 1.66 -15.60 -8.36
CA THR A 320 0.39 -15.26 -7.73
C THR A 320 -0.11 -13.88 -8.21
N LEU A 321 0.78 -12.89 -8.19
CA LEU A 321 0.39 -11.54 -8.59
C LEU A 321 -0.09 -11.49 -10.05
N LYS A 322 0.57 -12.24 -10.93
CA LYS A 322 0.15 -12.32 -12.33
C LYS A 322 -1.29 -12.86 -12.46
N ALA A 323 -1.60 -13.91 -11.70
CA ALA A 323 -2.96 -14.47 -11.64
C ALA A 323 -3.98 -13.47 -11.11
N VAL A 324 -3.62 -12.75 -10.04
CA VAL A 324 -4.47 -11.70 -9.48
C VAL A 324 -4.73 -10.61 -10.51
N TYR A 325 -3.67 -10.10 -11.11
CA TYR A 325 -3.77 -9.03 -12.12
C TYR A 325 -4.60 -9.44 -13.33
N GLU A 326 -4.43 -10.68 -13.79
CA GLU A 326 -5.24 -11.20 -14.90
C GLU A 326 -6.72 -11.29 -14.52
N ALA A 327 -7.00 -11.75 -13.31
CA ALA A 327 -8.36 -11.88 -12.79
C ALA A 327 -9.07 -10.54 -12.69
N ILE A 328 -8.39 -9.54 -12.12
CA ILE A 328 -8.94 -8.19 -11.95
C ILE A 328 -9.23 -7.51 -13.28
N GLY A 329 -8.39 -7.77 -14.29
CA GLY A 329 -8.57 -7.23 -15.62
C GLY A 329 -7.54 -6.23 -16.09
N PHE A 330 -6.42 -6.09 -15.37
CA PHE A 330 -5.35 -5.19 -15.79
C PHE A 330 -4.72 -5.65 -17.10
N VAL A 331 -4.38 -4.67 -17.94
CA VAL A 331 -3.61 -4.93 -19.15
C VAL A 331 -2.24 -5.44 -18.71
N ALA A 332 -1.83 -6.58 -19.27
CA ALA A 332 -0.58 -7.23 -18.88
C ALA A 332 0.63 -6.34 -19.25
N LYS A 333 1.61 -6.30 -18.37
CA LYS A 333 2.83 -5.54 -18.61
C LYS A 333 3.54 -6.07 -19.87
N ARG A 334 4.15 -5.14 -20.62
CA ARG A 334 4.93 -5.48 -21.80
C ARG A 334 6.40 -5.53 -21.35
N HIS A 335 7.02 -6.70 -21.43
CA HIS A 335 8.40 -6.89 -20.93
C HIS A 335 9.43 -6.73 -22.04
N THR B 2 18.05 19.88 -17.76
CA THR B 2 16.77 19.12 -17.97
C THR B 2 15.55 20.01 -17.71
N LYS B 3 14.46 19.71 -18.41
CA LYS B 3 13.22 20.48 -18.30
C LYS B 3 12.53 20.16 -16.98
N PRO B 4 11.71 21.10 -16.46
CA PRO B 4 10.82 20.73 -15.37
C PRO B 4 9.86 19.60 -15.80
N ILE B 5 9.41 18.82 -14.83
CA ILE B 5 8.62 17.62 -15.09
C ILE B 5 7.15 17.86 -14.83
N VAL B 6 6.32 17.43 -15.80
CA VAL B 6 4.87 17.39 -15.71
C VAL B 6 4.44 15.93 -15.53
N PHE B 7 3.53 15.71 -14.59
CA PHE B 7 2.88 14.41 -14.41
C PHE B 7 1.39 14.59 -14.22
N SER B 8 0.60 13.74 -14.86
CA SER B 8 -0.82 13.65 -14.57
C SER B 8 -1.36 12.30 -15.01
N GLY B 9 -2.53 11.96 -14.49
CA GLY B 9 -3.17 10.68 -14.78
C GLY B 9 -4.67 10.80 -14.96
N ALA B 10 -5.26 9.77 -15.55
CA ALA B 10 -6.71 9.64 -15.66
C ALA B 10 -7.11 8.17 -15.52
N GLN B 11 -8.24 7.93 -14.87
CA GLN B 11 -8.70 6.58 -14.60
C GLN B 11 -9.31 5.95 -15.85
N PRO B 12 -9.02 4.66 -16.09
CA PRO B 12 -9.78 3.91 -17.09
C PRO B 12 -11.06 3.30 -16.48
N SER B 13 -11.96 4.18 -16.02
CA SER B 13 -13.27 3.78 -15.50
C SER B 13 -14.30 4.81 -15.96
N GLY B 14 -15.53 4.36 -16.22
CA GLY B 14 -16.52 5.19 -16.90
C GLY B 14 -16.07 5.49 -18.32
N GLU B 15 -16.49 6.64 -18.85
CA GLU B 15 -16.13 7.08 -20.20
C GLU B 15 -15.78 8.55 -20.18
N LEU B 16 -14.53 8.88 -20.48
CA LEU B 16 -14.03 10.26 -20.35
C LEU B 16 -14.96 11.27 -21.00
N THR B 17 -15.20 12.38 -20.31
CA THR B 17 -16.13 13.41 -20.76
C THR B 17 -15.38 14.63 -21.27
N ILE B 18 -16.15 15.57 -21.82
CA ILE B 18 -15.62 16.88 -22.16
C ILE B 18 -15.03 17.55 -20.92
N GLY B 19 -15.58 17.27 -19.74
CA GLY B 19 -15.02 17.72 -18.46
C GLY B 19 -13.57 17.31 -18.27
N ASN B 20 -13.31 16.02 -18.44
CA ASN B 20 -11.93 15.48 -18.31
C ASN B 20 -10.99 16.11 -19.33
N TYR B 21 -11.49 16.37 -20.55
CA TYR B 21 -10.69 17.00 -21.58
C TYR B 21 -10.29 18.43 -21.22
N MET B 22 -11.27 19.22 -20.79
CA MET B 22 -11.06 20.66 -20.51
C MET B 22 -10.19 20.89 -19.29
N GLY B 23 -10.50 20.17 -18.23
CA GLY B 23 -9.79 20.31 -16.97
C GLY B 23 -8.38 19.75 -16.98
N ALA B 24 -8.12 18.76 -17.84
CA ALA B 24 -6.83 18.05 -17.84
C ALA B 24 -6.23 17.85 -19.24
N LEU B 25 -6.83 16.98 -20.04
CA LEU B 25 -6.19 16.51 -21.29
C LEU B 25 -5.77 17.64 -22.25
N ARG B 26 -6.61 18.66 -22.39
CA ARG B 26 -6.29 19.84 -23.20
C ARG B 26 -4.94 20.44 -22.80
N GLN B 27 -4.73 20.59 -21.49
CA GLN B 27 -3.48 21.16 -20.96
C GLN B 27 -2.32 20.19 -21.19
N TRP B 28 -2.57 18.90 -20.99
CA TRP B 28 -1.56 17.87 -21.22
C TRP B 28 -0.96 17.99 -22.62
N VAL B 29 -1.83 18.16 -23.62
CA VAL B 29 -1.39 18.24 -25.02
C VAL B 29 -0.52 19.48 -25.24
N ASN B 30 -0.95 20.60 -24.69
CA ASN B 30 -0.27 21.89 -24.90
C ASN B 30 1.06 22.05 -24.16
N MET B 31 1.30 21.24 -23.11
CA MET B 31 2.52 21.33 -22.31
C MET B 31 3.68 20.47 -22.82
N GLN B 32 3.47 19.68 -23.88
CA GLN B 32 4.42 18.63 -24.28
C GLN B 32 5.81 19.08 -24.72
N ASP B 33 5.91 20.22 -25.41
CA ASP B 33 7.22 20.77 -25.78
C ASP B 33 7.85 21.56 -24.64
N ASP B 34 7.02 22.32 -23.92
CA ASP B 34 7.51 23.26 -22.91
C ASP B 34 8.08 22.58 -21.66
N TYR B 35 7.54 21.42 -21.31
CA TYR B 35 8.00 20.64 -20.15
C TYR B 35 8.21 19.18 -20.53
N HIS B 36 8.88 18.44 -19.64
CA HIS B 36 9.07 17.00 -19.81
C HIS B 36 7.85 16.31 -19.24
N CYS B 37 6.98 15.82 -20.11
CA CYS B 37 5.64 15.37 -19.70
C CYS B 37 5.52 13.86 -19.59
N ILE B 38 4.88 13.42 -18.51
CA ILE B 38 4.64 12.01 -18.23
C ILE B 38 3.15 11.87 -17.93
N TYR B 39 2.46 11.00 -18.66
CA TYR B 39 1.01 10.80 -18.51
C TYR B 39 0.68 9.35 -18.31
N CYS B 40 -0.22 9.09 -17.37
CA CYS B 40 -0.43 7.76 -16.84
C CYS B 40 -1.90 7.37 -16.96
N ILE B 41 -2.16 6.11 -17.29
CA ILE B 41 -3.51 5.54 -17.22
C ILE B 41 -3.55 4.83 -15.87
N VAL B 42 -4.29 5.39 -14.91
CA VAL B 42 -4.21 4.95 -13.52
C VAL B 42 -5.20 3.82 -13.22
N ASP B 43 -4.90 2.64 -13.75
CA ASP B 43 -5.73 1.45 -13.55
C ASP B 43 -5.82 0.97 -12.09
N GLN B 44 -4.76 1.16 -11.31
CA GLN B 44 -4.81 0.84 -9.88
C GLN B 44 -5.77 1.74 -9.09
N HIS B 45 -5.91 3.01 -9.49
CA HIS B 45 -6.94 3.88 -8.93
C HIS B 45 -8.34 3.47 -9.39
N ALA B 46 -8.48 3.03 -10.66
CA ALA B 46 -9.78 2.64 -11.20
C ALA B 46 -10.45 1.51 -10.42
N ILE B 47 -9.68 0.53 -9.95
CA ILE B 47 -10.23 -0.60 -9.20
C ILE B 47 -10.74 -0.29 -7.78
N THR B 48 -10.60 0.97 -7.32
CA THR B 48 -11.28 1.41 -6.09
C THR B 48 -12.81 1.45 -6.26
N VAL B 49 -13.28 1.51 -7.51
CA VAL B 49 -14.67 1.26 -7.88
C VAL B 49 -14.71 -0.08 -8.62
N ARG B 50 -15.65 -0.93 -8.24
CA ARG B 50 -15.73 -2.28 -8.79
C ARG B 50 -16.08 -2.24 -10.27
N GLN B 51 -15.25 -2.87 -11.10
CA GLN B 51 -15.51 -3.00 -12.53
C GLN B 51 -15.41 -4.44 -12.98
N ASP B 52 -16.16 -4.74 -14.03
CA ASP B 52 -16.02 -6.00 -14.76
C ASP B 52 -14.60 -6.06 -15.34
N ALA B 53 -13.97 -7.22 -15.27
CA ALA B 53 -12.58 -7.41 -15.71
C ALA B 53 -12.36 -7.08 -17.18
N GLN B 54 -13.30 -7.50 -18.04
CA GLN B 54 -13.22 -7.21 -19.48
C GLN B 54 -13.40 -5.72 -19.76
N LYS B 55 -14.33 -5.09 -19.03
CA LYS B 55 -14.54 -3.64 -19.14
C LYS B 55 -13.29 -2.85 -18.76
N LEU B 56 -12.66 -3.23 -17.64
CA LEU B 56 -11.43 -2.59 -17.17
C LEU B 56 -10.31 -2.65 -18.22
N ARG B 57 -10.09 -3.85 -18.76
CA ARG B 57 -9.02 -4.05 -19.73
C ARG B 57 -9.28 -3.22 -20.98
N LYS B 58 -10.51 -3.30 -21.50
CA LYS B 58 -10.90 -2.52 -22.67
C LYS B 58 -10.79 -1.02 -22.41
N ALA B 59 -11.25 -0.58 -21.24
CA ALA B 59 -11.22 0.85 -20.88
C ALA B 59 -9.79 1.39 -20.75
N THR B 60 -8.87 0.54 -20.30
CA THR B 60 -7.45 0.92 -20.20
C THR B 60 -6.92 1.28 -21.57
N LEU B 61 -7.21 0.43 -22.54
CA LEU B 61 -6.79 0.63 -23.92
C LEU B 61 -7.58 1.74 -24.62
N ASP B 62 -8.87 1.89 -24.27
CA ASP B 62 -9.67 3.03 -24.76
C ASP B 62 -9.01 4.34 -24.33
N THR B 63 -8.63 4.42 -23.06
CA THR B 63 -8.02 5.63 -22.48
C THR B 63 -6.68 5.96 -23.15
N LEU B 64 -5.85 4.93 -23.34
CA LEU B 64 -4.57 5.07 -24.04
C LEU B 64 -4.75 5.66 -25.46
N ALA B 65 -5.68 5.07 -26.21
CA ALA B 65 -5.99 5.52 -27.57
C ALA B 65 -6.55 6.95 -27.57
N LEU B 66 -7.32 7.28 -26.54
CA LEU B 66 -7.84 8.64 -26.35
C LEU B 66 -6.75 9.69 -26.15
N TYR B 67 -5.75 9.36 -25.32
CA TYR B 67 -4.59 10.25 -25.12
C TYR B 67 -3.94 10.54 -26.46
N LEU B 68 -3.68 9.48 -27.22
CA LEU B 68 -3.07 9.58 -28.54
C LEU B 68 -3.92 10.41 -29.49
N ALA B 69 -5.22 10.15 -29.51
CA ALA B 69 -6.17 10.90 -30.34
C ALA B 69 -6.25 12.39 -29.99
N CYS B 70 -6.15 12.72 -28.71
CA CYS B 70 -6.12 14.13 -28.26
C CYS B 70 -4.89 14.90 -28.73
N GLY B 71 -3.81 14.20 -29.07
CA GLY B 71 -2.55 14.83 -29.46
C GLY B 71 -1.35 14.48 -28.57
N ILE B 72 -1.53 13.59 -27.60
CA ILE B 72 -0.40 13.14 -26.79
C ILE B 72 0.50 12.26 -27.68
N ASP B 73 1.68 12.81 -27.98
CA ASP B 73 2.66 12.23 -28.87
C ASP B 73 3.67 11.40 -28.08
N PRO B 74 3.76 10.07 -28.35
CA PRO B 74 4.73 9.23 -27.64
C PRO B 74 6.21 9.53 -27.94
N GLU B 75 6.50 10.28 -29.01
CA GLU B 75 7.85 10.77 -29.27
C GLU B 75 8.24 11.95 -28.36
N LYS B 76 7.25 12.66 -27.82
CA LYS B 76 7.48 13.79 -26.91
C LYS B 76 7.25 13.44 -25.44
N SER B 77 6.17 12.71 -25.16
CA SER B 77 5.76 12.40 -23.79
C SER B 77 5.89 10.92 -23.47
N THR B 78 6.09 10.61 -22.20
CA THR B 78 6.04 9.25 -21.66
C THR B 78 4.58 8.92 -21.36
N ILE B 79 4.10 7.81 -21.90
CA ILE B 79 2.71 7.38 -21.72
C ILE B 79 2.76 5.95 -21.19
N PHE B 80 2.17 5.71 -20.02
CA PHE B 80 2.19 4.37 -19.45
C PHE B 80 0.99 4.02 -18.57
N VAL B 81 0.87 2.72 -18.31
CA VAL B 81 -0.16 2.16 -17.47
C VAL B 81 0.44 1.99 -16.07
N GLN B 82 -0.25 2.55 -15.10
CA GLN B 82 0.20 2.59 -13.70
C GLN B 82 0.63 1.25 -13.12
N SER B 83 -0.17 0.21 -13.35
CA SER B 83 0.12 -1.13 -12.81
C SER B 83 1.38 -1.79 -13.39
N HIS B 84 1.87 -1.28 -14.53
CA HIS B 84 3.10 -1.77 -15.14
C HIS B 84 4.38 -1.32 -14.43
N VAL B 85 4.26 -0.38 -13.49
CA VAL B 85 5.40 0.15 -12.77
C VAL B 85 5.14 -0.10 -11.27
N PRO B 86 5.74 -1.17 -10.71
CA PRO B 86 5.54 -1.56 -9.31
C PRO B 86 5.86 -0.47 -8.27
N GLU B 87 6.76 0.44 -8.63
CA GLU B 87 7.17 1.55 -7.74
C GLU B 87 6.02 2.41 -7.23
N HIS B 88 4.93 2.52 -8.00
CA HIS B 88 3.75 3.27 -7.56
C HIS B 88 3.18 2.67 -6.28
N ALA B 89 2.91 1.36 -6.32
CA ALA B 89 2.46 0.61 -5.15
C ALA B 89 3.46 0.63 -4.00
N GLN B 90 4.74 0.47 -4.33
CA GLN B 90 5.79 0.47 -3.32
C GLN B 90 5.89 1.80 -2.59
N LEU B 91 5.95 2.90 -3.33
CA LEU B 91 6.03 4.22 -2.68
C LEU B 91 4.73 4.58 -1.96
N GLY B 92 3.61 4.13 -2.53
CA GLY B 92 2.30 4.35 -1.91
C GLY B 92 2.19 3.72 -0.54
N TRP B 93 2.72 2.51 -0.36
CA TRP B 93 2.77 1.93 0.99
C TRP B 93 3.62 2.79 1.93
N ALA B 94 4.84 3.12 1.49
CA ALA B 94 5.74 3.92 2.31
C ALA B 94 5.14 5.26 2.73
N LEU B 95 4.48 5.93 1.80
CA LEU B 95 3.84 7.22 2.08
C LEU B 95 2.63 7.14 3.01
N ASN B 96 1.97 5.98 3.11
CA ASN B 96 0.95 5.76 4.14
C ASN B 96 1.48 6.06 5.53
N CYS B 97 2.73 5.70 5.78
CA CYS B 97 3.36 5.91 7.08
C CYS B 97 3.72 7.37 7.39
N TYR B 98 3.63 8.25 6.38
CA TYR B 98 3.84 9.69 6.54
C TYR B 98 2.59 10.51 6.19
N THR B 99 1.43 9.85 6.22
CA THR B 99 0.13 10.47 5.99
C THR B 99 -0.71 10.20 7.24
N TYR B 100 -1.42 11.21 7.73
CA TYR B 100 -2.29 11.04 8.90
C TYR B 100 -3.66 10.53 8.48
N PHE B 101 -4.25 9.68 9.31
CA PHE B 101 -5.62 9.19 9.11
C PHE B 101 -6.60 10.35 8.86
N GLY B 102 -6.51 11.38 9.70
CA GLY B 102 -7.36 12.57 9.60
C GLY B 102 -7.32 13.31 8.27
N GLU B 103 -6.14 13.36 7.65
CA GLU B 103 -5.98 13.96 6.31
C GLU B 103 -6.80 13.22 5.25
N LEU B 104 -6.89 11.90 5.39
CA LEU B 104 -7.65 11.07 4.46
C LEU B 104 -9.15 11.08 4.75
N SER B 105 -9.52 11.00 6.03
CA SER B 105 -10.93 11.05 6.42
C SER B 105 -11.62 12.38 6.10
N ARG B 106 -10.86 13.47 6.06
CA ARG B 106 -11.39 14.80 5.71
C ARG B 106 -11.57 15.05 4.20
N MET B 107 -11.16 14.11 3.35
CA MET B 107 -11.25 14.29 1.89
C MET B 107 -12.70 14.36 1.39
N THR B 108 -12.95 15.32 0.50
CA THR B 108 -14.25 15.50 -0.16
C THR B 108 -14.58 14.33 -1.09
N GLN B 109 -13.60 13.93 -1.90
CA GLN B 109 -13.78 12.85 -2.88
C GLN B 109 -14.13 11.51 -2.23
N PHE B 110 -13.48 11.20 -1.11
CA PHE B 110 -13.81 10.00 -0.33
C PHE B 110 -15.27 10.01 0.16
N LYS B 111 -15.73 11.16 0.65
CA LYS B 111 -17.11 11.31 1.13
C LYS B 111 -18.15 11.27 0.01
N ASP B 112 -17.85 11.90 -1.13
CA ASP B 112 -18.73 11.84 -2.31
C ASP B 112 -18.79 10.43 -2.90
N LYS B 113 -17.65 9.75 -2.95
CA LYS B 113 -17.56 8.39 -3.49
C LYS B 113 -18.25 7.35 -2.60
N SER B 114 -18.06 7.46 -1.29
CA SER B 114 -18.71 6.56 -0.34
C SER B 114 -20.24 6.73 -0.30
N ALA B 115 -20.72 7.94 -0.56
CA ALA B 115 -22.15 8.21 -0.72
C ALA B 115 -22.73 7.51 -1.96
N ARG B 116 -22.02 7.64 -3.09
CA ARG B 116 -22.45 7.03 -4.36
C ARG B 116 -22.27 5.50 -4.39
N TYR B 117 -21.20 5.01 -3.75
CA TYR B 117 -20.90 3.57 -3.69
C TYR B 117 -20.95 3.08 -2.24
N ALA B 118 -22.15 3.17 -1.67
CA ALA B 118 -22.42 2.79 -0.27
C ALA B 118 -22.14 1.32 0.05
N GLU B 119 -22.39 0.43 -0.92
CA GLU B 119 -22.15 -1.01 -0.76
C GLU B 119 -20.70 -1.46 -0.99
N ASN B 120 -19.81 -0.53 -1.32
CA ASN B 120 -18.38 -0.85 -1.52
C ASN B 120 -17.51 0.33 -1.06
N ILE B 121 -17.64 0.66 0.23
CA ILE B 121 -16.74 1.62 0.89
C ILE B 121 -15.50 0.83 1.28
N ASN B 122 -14.61 0.66 0.30
CA ASN B 122 -13.40 -0.13 0.48
C ASN B 122 -12.21 0.75 0.91
N ALA B 123 -11.17 0.08 1.40
CA ALA B 123 -9.98 0.77 1.90
C ALA B 123 -9.18 1.47 0.79
N GLY B 124 -9.30 0.99 -0.45
CA GLY B 124 -8.63 1.64 -1.58
C GLY B 124 -9.20 3.02 -1.87
N LEU B 125 -10.52 3.14 -1.76
CA LEU B 125 -11.23 4.41 -1.89
C LEU B 125 -10.77 5.41 -0.82
N PHE B 126 -10.58 4.93 0.40
CA PHE B 126 -10.03 5.72 1.51
C PHE B 126 -8.56 6.11 1.31
N ASP B 127 -7.76 5.14 0.88
CA ASP B 127 -6.31 5.31 0.73
C ASP B 127 -5.89 5.92 -0.62
N TYR B 128 -6.87 6.06 -1.51
CA TYR B 128 -6.73 6.74 -2.83
C TYR B 128 -5.70 7.90 -2.89
N PRO B 129 -5.83 8.92 -2.02
CA PRO B 129 -4.92 10.08 -2.11
C PRO B 129 -3.42 9.77 -1.91
N VAL B 130 -3.12 8.73 -1.13
CA VAL B 130 -1.73 8.37 -0.85
C VAL B 130 -1.06 7.76 -2.08
N LEU B 131 -1.75 6.84 -2.75
CA LEU B 131 -1.25 6.32 -4.03
C LEU B 131 -1.08 7.44 -5.06
N MET B 132 -1.99 8.39 -5.07
CA MET B 132 -1.93 9.54 -5.98
C MET B 132 -0.70 10.40 -5.70
N ALA B 133 -0.43 10.64 -4.43
CA ALA B 133 0.80 11.30 -4.00
C ALA B 133 2.04 10.54 -4.47
N ALA B 134 2.04 9.22 -4.32
CA ALA B 134 3.13 8.38 -4.81
C ALA B 134 3.29 8.50 -6.33
N ASP B 135 2.17 8.49 -7.06
CA ASP B 135 2.20 8.66 -8.52
C ASP B 135 3.00 9.91 -8.92
N ILE B 136 2.72 11.03 -8.25
CA ILE B 136 3.33 12.32 -8.57
C ILE B 136 4.78 12.39 -8.09
N LEU B 137 5.00 12.02 -6.83
CA LEU B 137 6.31 12.19 -6.21
C LEU B 137 7.41 11.30 -6.81
N LEU B 138 7.04 10.14 -7.36
CA LEU B 138 8.01 9.25 -8.01
C LEU B 138 8.82 9.91 -9.12
N TYR B 139 8.22 10.86 -9.83
CA TYR B 139 8.84 11.44 -11.03
C TYR B 139 9.49 12.82 -10.83
N GLN B 140 9.76 13.21 -9.58
CA GLN B 140 10.34 14.53 -9.30
C GLN B 140 9.50 15.61 -9.97
N THR B 141 8.18 15.48 -9.82
CA THR B 141 7.23 16.28 -10.58
C THR B 141 7.19 17.73 -10.08
N ASN B 142 7.28 18.66 -11.03
CA ASN B 142 7.14 20.09 -10.74
C ASN B 142 5.70 20.59 -10.94
N LEU B 143 5.02 20.12 -12.00
CA LEU B 143 3.67 20.58 -12.35
C LEU B 143 2.71 19.42 -12.58
N VAL B 144 1.50 19.58 -12.07
CA VAL B 144 0.45 18.54 -12.16
C VAL B 144 -0.80 19.17 -12.78
N PRO B 145 -1.02 18.95 -14.09
CA PRO B 145 -2.23 19.51 -14.73
C PRO B 145 -3.47 18.70 -14.42
N VAL B 146 -4.38 19.30 -13.66
CA VAL B 146 -5.62 18.66 -13.20
C VAL B 146 -6.79 19.65 -13.23
N GLY B 147 -7.99 19.10 -13.11
CA GLY B 147 -9.19 19.90 -12.85
C GLY B 147 -9.27 20.34 -11.39
N GLU B 148 -10.20 21.25 -11.10
CA GLU B 148 -10.42 21.78 -9.75
C GLU B 148 -10.72 20.70 -8.71
N ASP B 149 -11.42 19.64 -9.12
CA ASP B 149 -11.84 18.58 -8.21
C ASP B 149 -10.67 17.78 -7.60
N GLN B 150 -9.48 17.87 -8.20
CA GLN B 150 -8.26 17.24 -7.66
C GLN B 150 -7.37 18.18 -6.85
N LYS B 151 -7.82 19.41 -6.59
CA LYS B 151 -7.05 20.39 -5.82
C LYS B 151 -6.69 19.89 -4.42
N GLN B 152 -7.67 19.33 -3.72
CA GLN B 152 -7.46 18.83 -2.36
C GLN B 152 -6.44 17.68 -2.32
N HIS B 153 -6.55 16.73 -3.25
CA HIS B 153 -5.58 15.65 -3.41
C HIS B 153 -4.17 16.16 -3.68
N LEU B 154 -4.08 17.19 -4.52
CA LEU B 154 -2.80 17.88 -4.76
C LEU B 154 -2.20 18.50 -3.51
N GLU B 155 -3.03 19.20 -2.73
CA GLU B 155 -2.58 19.81 -1.47
C GLU B 155 -1.94 18.77 -0.54
N LEU B 156 -2.56 17.60 -0.43
CA LEU B 156 -2.02 16.53 0.41
C LEU B 156 -0.66 16.06 -0.09
N SER B 157 -0.52 15.86 -1.40
CA SER B 157 0.74 15.42 -1.99
C SER B 157 1.88 16.42 -1.74
N ARG B 158 1.55 17.71 -1.71
CA ARG B 158 2.49 18.76 -1.33
C ARG B 158 2.87 18.64 0.15
N ASP B 159 1.87 18.43 1.01
CA ASP B 159 2.11 18.26 2.45
C ASP B 159 2.98 17.03 2.76
N ILE B 160 2.69 15.91 2.09
CA ILE B 160 3.48 14.68 2.26
C ILE B 160 4.94 14.89 1.83
N ALA B 161 5.15 15.54 0.68
CA ALA B 161 6.50 15.82 0.18
C ALA B 161 7.32 16.68 1.15
N GLN B 162 6.72 17.77 1.60
CA GLN B 162 7.34 18.68 2.58
C GLN B 162 7.64 17.97 3.91
N ARG B 163 6.69 17.17 4.38
CA ARG B 163 6.82 16.40 5.62
C ARG B 163 7.96 15.39 5.53
N PHE B 164 8.01 14.65 4.44
CA PHE B 164 9.07 13.67 4.20
C PHE B 164 10.42 14.35 4.02
N ASN B 165 10.45 15.38 3.16
CA ASN B 165 11.67 16.17 2.95
C ASN B 165 12.23 16.77 4.25
N ALA B 166 11.34 17.24 5.12
CA ALA B 166 11.77 17.87 6.38
C ALA B 166 12.53 16.89 7.27
N LEU B 167 12.16 15.62 7.22
CA LEU B 167 12.86 14.57 7.96
C LEU B 167 14.12 14.09 7.29
N TYR B 168 14.08 13.91 5.97
CA TYR B 168 15.11 13.13 5.26
C TYR B 168 16.00 13.87 4.27
N GLY B 169 15.63 15.09 3.87
CA GLY B 169 16.41 15.88 2.91
C GLY B 169 15.65 16.08 1.61
N GLU B 170 16.35 16.52 0.57
CA GLU B 170 15.71 16.88 -0.70
C GLU B 170 15.41 15.65 -1.54
N ILE B 171 14.47 14.83 -1.08
CA ILE B 171 14.14 13.56 -1.73
C ILE B 171 13.10 13.78 -2.84
N PHE B 172 12.07 14.57 -2.53
CA PHE B 172 10.99 14.88 -3.48
C PHE B 172 10.99 16.34 -3.88
N LYS B 173 10.48 16.62 -5.08
CA LYS B 173 10.07 17.97 -5.43
C LYS B 173 8.69 18.22 -4.85
N VAL B 174 8.42 19.46 -4.43
CA VAL B 174 7.07 19.84 -4.02
C VAL B 174 6.34 20.26 -5.29
N PRO B 175 5.33 19.46 -5.72
CA PRO B 175 4.66 19.75 -6.98
C PRO B 175 3.67 20.90 -6.85
N GLU B 176 3.39 21.58 -7.96
CA GLU B 176 2.38 22.63 -8.01
C GLU B 176 1.25 22.24 -8.95
N PRO B 177 0.00 22.59 -8.59
CA PRO B 177 -1.10 22.32 -9.50
C PRO B 177 -1.09 23.25 -10.71
N PHE B 178 -1.57 22.76 -11.85
CA PHE B 178 -1.75 23.57 -13.06
C PHE B 178 -3.21 23.40 -13.49
N ILE B 179 -4.06 24.31 -13.00
CA ILE B 179 -5.50 24.27 -13.21
C ILE B 179 -5.84 25.40 -14.17
N PRO B 180 -6.60 25.10 -15.25
CA PRO B 180 -6.84 26.14 -16.26
C PRO B 180 -7.82 27.22 -15.78
N LYS B 181 -7.79 28.39 -16.41
CA LYS B 181 -8.67 29.51 -16.03
C LYS B 181 -10.13 29.24 -16.37
N SER B 182 -10.38 28.67 -17.54
CA SER B 182 -11.70 28.19 -17.92
C SER B 182 -11.68 26.67 -18.07
N GLY B 183 -12.85 26.05 -17.87
CA GLY B 183 -13.02 24.61 -18.04
C GLY B 183 -12.37 23.76 -16.97
N ALA B 184 -12.07 24.34 -15.80
CA ALA B 184 -11.48 23.60 -14.67
C ALA B 184 -12.49 22.69 -13.97
N ARG B 185 -13.78 23.01 -14.10
CA ARG B 185 -14.85 22.25 -13.45
C ARG B 185 -16.14 22.35 -14.27
N VAL B 186 -16.18 21.62 -15.38
CA VAL B 186 -17.33 21.63 -16.27
C VAL B 186 -18.50 20.94 -15.56
N MET B 187 -19.67 21.59 -15.60
CA MET B 187 -20.83 21.15 -14.84
C MET B 187 -21.83 20.36 -15.69
N SER B 188 -22.71 19.62 -15.01
CA SER B 188 -23.69 18.77 -15.66
C SER B 188 -24.74 19.57 -16.42
N LEU B 189 -25.16 19.05 -17.58
CA LEU B 189 -26.03 19.80 -18.49
C LEU B 189 -27.47 19.96 -17.98
N LEU B 190 -27.99 18.97 -17.25
CA LEU B 190 -29.32 19.06 -16.64
C LEU B 190 -29.29 19.40 -15.14
N GLU B 191 -28.09 19.54 -14.59
CA GLU B 191 -27.90 19.84 -13.17
C GLU B 191 -26.60 20.66 -12.99
N PRO B 192 -26.60 21.92 -13.48
CA PRO B 192 -25.37 22.74 -13.54
C PRO B 192 -24.73 23.13 -12.21
N THR B 193 -25.37 22.83 -11.09
CA THR B 193 -24.76 22.93 -9.76
C THR B 193 -23.95 21.68 -9.37
N LYS B 194 -24.01 20.62 -10.19
CA LYS B 194 -23.28 19.39 -9.95
C LYS B 194 -22.22 19.21 -11.04
N LYS B 195 -21.01 18.82 -10.63
CA LYS B 195 -19.90 18.59 -11.56
C LYS B 195 -20.25 17.51 -12.58
N MET B 196 -19.81 17.69 -13.83
CA MET B 196 -20.00 16.68 -14.86
C MET B 196 -19.12 15.48 -14.54
N SER B 197 -19.74 14.31 -14.41
CA SER B 197 -19.07 13.09 -13.98
C SER B 197 -19.13 12.02 -15.08
N LYS B 198 -17.97 11.46 -15.45
CA LYS B 198 -17.91 10.32 -16.37
C LYS B 198 -18.64 9.05 -15.92
N SER B 199 -19.01 8.96 -14.64
CA SER B 199 -19.81 7.84 -14.12
C SER B 199 -21.27 8.22 -13.76
N ASP B 200 -21.81 9.28 -14.35
CA ASP B 200 -23.19 9.70 -14.07
C ASP B 200 -24.17 8.68 -14.68
N ASP B 201 -25.14 8.24 -13.87
CA ASP B 201 -26.25 7.40 -14.36
C ASP B 201 -27.01 8.08 -15.48
N ASN B 202 -27.42 9.32 -15.22
CA ASN B 202 -28.10 10.15 -16.21
C ASN B 202 -27.09 10.55 -17.30
N ARG B 203 -27.13 9.84 -18.42
CA ARG B 203 -26.24 10.11 -19.56
C ARG B 203 -26.40 11.52 -20.15
N ASN B 204 -27.60 12.10 -20.05
CA ASN B 204 -27.89 13.43 -20.60
C ASN B 204 -27.20 14.59 -19.86
N ASN B 205 -26.71 14.33 -18.65
CA ASN B 205 -25.83 15.28 -17.95
C ASN B 205 -24.44 15.41 -18.59
N VAL B 206 -24.02 14.41 -19.34
CA VAL B 206 -22.62 14.23 -19.75
C VAL B 206 -22.46 14.39 -21.26
N ILE B 207 -21.35 15.01 -21.66
CA ILE B 207 -20.88 14.94 -23.04
C ILE B 207 -19.67 13.99 -23.06
N GLY B 208 -19.86 12.80 -23.61
CA GLY B 208 -18.79 11.82 -23.72
C GLY B 208 -17.86 12.18 -24.87
N LEU B 209 -16.56 11.93 -24.69
CA LEU B 209 -15.59 12.17 -25.76
C LEU B 209 -15.78 11.22 -26.95
N LEU B 210 -16.18 9.97 -26.66
CA LEU B 210 -16.49 8.97 -27.69
C LEU B 210 -17.99 8.83 -27.99
N GLU B 211 -18.80 9.75 -27.49
CA GLU B 211 -20.24 9.76 -27.76
C GLU B 211 -20.48 10.31 -29.17
N ASP B 212 -21.54 9.81 -29.82
CA ASP B 212 -21.97 10.28 -31.14
C ASP B 212 -22.24 11.79 -31.08
N PRO B 213 -21.53 12.60 -31.91
CA PRO B 213 -21.74 14.06 -31.96
C PRO B 213 -23.19 14.53 -32.06
N LYS B 214 -23.99 13.84 -32.86
CA LYS B 214 -25.43 14.09 -32.96
C LYS B 214 -26.12 14.04 -31.60
N SER B 215 -25.82 13.00 -30.84
CA SER B 215 -26.35 12.84 -29.48
C SER B 215 -25.88 13.98 -28.55
N VAL B 216 -24.64 14.40 -28.72
CA VAL B 216 -24.06 15.51 -27.94
C VAL B 216 -24.73 16.87 -28.27
N VAL B 217 -24.97 17.14 -29.55
CA VAL B 217 -25.65 18.37 -29.99
C VAL B 217 -27.08 18.48 -29.41
N LYS B 218 -27.78 17.34 -29.35
CA LYS B 218 -29.10 17.26 -28.72
C LYS B 218 -29.04 17.55 -27.22
N LYS B 219 -28.01 17.04 -26.55
CA LYS B 219 -27.81 17.29 -25.12
C LYS B 219 -27.56 18.77 -24.81
N ILE B 220 -26.83 19.44 -25.70
CA ILE B 220 -26.52 20.86 -25.56
C ILE B 220 -27.79 21.71 -25.73
N LYS B 221 -28.56 21.43 -26.78
CA LYS B 221 -29.87 22.06 -27.01
C LYS B 221 -30.83 21.92 -25.82
N ARG B 222 -30.77 20.80 -25.10
CA ARG B 222 -31.63 20.56 -23.94
C ARG B 222 -31.04 20.98 -22.59
N ALA B 223 -29.81 21.51 -22.58
CA ALA B 223 -29.18 21.95 -21.33
C ALA B 223 -30.04 23.01 -20.66
N VAL B 224 -30.18 22.93 -19.33
CA VAL B 224 -31.02 23.88 -18.61
C VAL B 224 -30.32 25.23 -18.55
N THR B 225 -31.09 26.30 -18.71
CA THR B 225 -30.58 27.66 -18.64
C THR B 225 -31.23 28.31 -17.43
N ASP B 226 -32.06 29.34 -17.62
CA ASP B 226 -32.66 30.06 -16.51
C ASP B 226 -33.92 30.81 -16.97
N SER B 227 -34.62 31.42 -16.04
CA SER B 227 -35.89 32.07 -16.32
C SER B 227 -35.77 33.58 -16.64
N ASP B 228 -34.54 34.08 -16.83
CA ASP B 228 -34.33 35.52 -17.03
C ASP B 228 -35.13 36.04 -18.22
N GLU B 229 -35.78 37.17 -18.03
CA GLU B 229 -36.61 37.79 -19.06
C GLU B 229 -36.26 39.27 -19.17
N PRO B 230 -35.67 39.72 -20.28
CA PRO B 230 -35.27 38.88 -21.42
C PRO B 230 -34.10 37.93 -21.11
N PRO B 231 -33.92 36.87 -21.92
CA PRO B 231 -32.71 36.06 -21.81
C PRO B 231 -31.48 36.93 -22.08
N VAL B 232 -30.45 36.78 -21.24
CA VAL B 232 -29.20 37.53 -21.38
C VAL B 232 -28.05 36.56 -21.16
N VAL B 233 -27.10 36.59 -22.09
CA VAL B 233 -25.91 35.74 -22.04
C VAL B 233 -24.85 36.46 -21.20
N ARG B 234 -24.83 36.13 -19.91
CA ARG B 234 -23.97 36.78 -18.93
C ARG B 234 -23.49 35.75 -17.90
N TYR B 235 -22.27 35.91 -17.42
CA TYR B 235 -21.65 34.98 -16.48
C TYR B 235 -22.06 35.30 -15.05
N ASP B 236 -22.67 34.33 -14.39
CA ASP B 236 -23.16 34.46 -13.02
C ASP B 236 -23.46 33.05 -12.54
N VAL B 237 -22.48 32.41 -11.89
CA VAL B 237 -22.63 31.02 -11.43
C VAL B 237 -23.75 30.83 -10.40
N GLN B 238 -24.02 31.86 -9.61
CA GLN B 238 -25.05 31.80 -8.56
C GLN B 238 -26.47 31.76 -9.13
N ASN B 239 -26.81 32.70 -10.02
CA ASN B 239 -28.16 32.85 -10.59
C ASN B 239 -28.30 32.31 -12.02
N LYS B 240 -27.19 32.04 -12.70
CA LYS B 240 -27.23 31.58 -14.10
C LYS B 240 -26.23 30.43 -14.33
N ALA B 241 -26.39 29.37 -13.55
CA ALA B 241 -25.46 28.24 -13.55
C ALA B 241 -25.33 27.58 -14.92
N GLY B 242 -26.45 27.32 -15.58
CA GLY B 242 -26.47 26.69 -16.90
C GLY B 242 -25.81 27.52 -17.98
N VAL B 243 -26.19 28.80 -18.05
CA VAL B 243 -25.65 29.71 -19.05
C VAL B 243 -24.16 29.92 -18.83
N SER B 244 -23.77 30.05 -17.56
CA SER B 244 -22.38 30.20 -17.17
C SER B 244 -21.53 29.00 -17.61
N ASN B 245 -22.07 27.79 -17.38
CA ASN B 245 -21.39 26.56 -17.79
C ASN B 245 -21.20 26.47 -19.31
N LEU B 246 -22.22 26.89 -20.07
CA LEU B 246 -22.14 26.93 -21.53
C LEU B 246 -21.11 27.94 -22.03
N LEU B 247 -21.07 29.12 -21.43
CA LEU B 247 -20.03 30.12 -21.71
C LEU B 247 -18.63 29.60 -21.37
N ASP B 248 -18.52 28.90 -20.24
CA ASP B 248 -17.25 28.32 -19.79
C ASP B 248 -16.77 27.26 -20.77
N ILE B 249 -17.67 26.37 -21.21
CA ILE B 249 -17.37 25.37 -22.25
C ILE B 249 -16.92 26.03 -23.55
N LEU B 250 -17.66 27.04 -24.01
CA LEU B 250 -17.33 27.75 -25.25
C LEU B 250 -15.96 28.41 -25.17
N SER B 251 -15.70 29.07 -24.05
CA SER B 251 -14.41 29.71 -23.76
C SER B 251 -13.24 28.74 -23.81
N ALA B 252 -13.42 27.57 -23.20
CA ALA B 252 -12.38 26.54 -23.12
C ALA B 252 -12.06 25.89 -24.47
N VAL B 253 -13.08 25.70 -25.32
CA VAL B 253 -12.89 25.14 -26.67
C VAL B 253 -12.22 26.17 -27.60
N THR B 254 -12.78 27.38 -27.63
CA THR B 254 -12.36 28.41 -28.58
C THR B 254 -11.13 29.20 -28.13
N GLY B 255 -10.87 29.22 -26.82
CA GLY B 255 -9.80 30.02 -26.24
C GLY B 255 -10.18 31.48 -25.97
N GLN B 256 -11.43 31.83 -26.21
CA GLN B 256 -11.91 33.21 -26.05
C GLN B 256 -12.28 33.43 -24.59
N SER B 257 -12.08 34.65 -24.10
CA SER B 257 -12.41 35.00 -22.71
C SER B 257 -13.92 35.17 -22.51
N ILE B 258 -14.33 35.18 -21.24
CA ILE B 258 -15.75 35.32 -20.89
C ILE B 258 -16.28 36.71 -21.27
N PRO B 259 -15.56 37.81 -20.90
CA PRO B 259 -15.98 39.14 -21.35
C PRO B 259 -16.07 39.32 -22.88
N GLU B 260 -15.17 38.67 -23.62
CA GLU B 260 -15.23 38.64 -25.08
C GLU B 260 -16.52 37.99 -25.56
N LEU B 261 -16.86 36.85 -24.97
CA LEU B 261 -18.08 36.14 -25.33
C LEU B 261 -19.33 36.92 -24.93
N GLU B 262 -19.32 37.53 -23.74
CA GLU B 262 -20.43 38.39 -23.29
C GLU B 262 -20.72 39.54 -24.27
N LYS B 263 -19.67 40.24 -24.70
CA LYS B 263 -19.80 41.28 -25.72
C LYS B 263 -20.29 40.67 -27.05
N GLN B 264 -19.73 39.53 -27.42
CA GLN B 264 -20.13 38.80 -28.63
C GLN B 264 -21.60 38.40 -28.66
N PHE B 265 -22.16 38.03 -27.50
CA PHE B 265 -23.58 37.62 -27.43
C PHE B 265 -24.53 38.75 -26.98
N GLU B 266 -24.05 39.99 -26.96
CA GLU B 266 -24.88 41.15 -26.59
C GLU B 266 -26.07 41.24 -27.55
N GLY B 267 -27.28 41.32 -26.99
CA GLY B 267 -28.51 41.32 -27.80
C GLY B 267 -28.98 39.96 -28.30
N LYS B 268 -28.19 38.90 -28.05
CA LYS B 268 -28.53 37.55 -28.50
C LYS B 268 -29.09 36.81 -27.29
N MET B 269 -29.67 35.65 -27.54
CA MET B 269 -30.31 34.85 -26.48
C MET B 269 -29.69 33.45 -26.46
N TYR B 270 -30.31 32.51 -25.76
CA TYR B 270 -29.68 31.22 -25.50
C TYR B 270 -29.59 30.29 -26.72
N GLY B 271 -30.45 30.52 -27.72
CA GLY B 271 -30.35 29.83 -29.00
C GLY B 271 -29.02 30.04 -29.71
N HIS B 272 -28.55 31.29 -29.74
CA HIS B 272 -27.23 31.63 -30.30
C HIS B 272 -26.09 30.97 -29.51
N LEU B 273 -26.16 31.09 -28.19
CA LEU B 273 -25.17 30.50 -27.29
C LEU B 273 -25.06 29.00 -27.50
N LYS B 274 -26.19 28.31 -27.44
CA LYS B 274 -26.25 26.85 -27.61
C LYS B 274 -25.84 26.40 -29.01
N GLY B 275 -26.19 27.19 -30.03
CA GLY B 275 -25.73 26.93 -31.40
C GLY B 275 -24.22 26.97 -31.53
N GLU B 276 -23.61 28.01 -30.98
CA GLU B 276 -22.15 28.18 -31.01
C GLU B 276 -21.41 27.13 -30.17
N VAL B 277 -21.95 26.79 -29.01
CA VAL B 277 -21.40 25.74 -28.15
C VAL B 277 -21.49 24.39 -28.88
N ALA B 278 -22.67 24.05 -29.38
CA ALA B 278 -22.88 22.80 -30.12
C ALA B 278 -21.93 22.68 -31.32
N ASP B 279 -21.76 23.78 -32.06
CA ASP B 279 -20.88 23.81 -33.22
C ASP B 279 -19.44 23.52 -32.84
N ALA B 280 -18.94 24.25 -31.85
CA ALA B 280 -17.57 24.08 -31.35
C ALA B 280 -17.30 22.66 -30.83
N VAL B 281 -18.20 22.14 -30.00
CA VAL B 281 -18.04 20.81 -29.40
C VAL B 281 -18.22 19.68 -30.42
N SER B 282 -19.24 19.78 -31.30
CA SER B 282 -19.45 18.78 -32.35
C SER B 282 -18.24 18.65 -33.28
N GLY B 283 -17.65 19.80 -33.64
CA GLY B 283 -16.44 19.83 -34.45
C GLY B 283 -15.25 19.14 -33.81
N MET B 284 -15.02 19.44 -32.54
CA MET B 284 -13.90 18.85 -31.76
C MET B 284 -14.00 17.32 -31.71
N LEU B 285 -15.17 16.82 -31.31
CA LEU B 285 -15.39 15.38 -31.12
C LEU B 285 -15.36 14.55 -32.40
N THR B 286 -15.83 15.12 -33.51
CA THR B 286 -15.77 14.44 -34.81
C THR B 286 -14.30 14.21 -35.21
N GLU B 287 -13.48 15.26 -35.10
CA GLU B 287 -12.04 15.18 -35.38
C GLU B 287 -11.37 14.17 -34.44
N LEU B 288 -11.60 14.36 -33.15
CA LEU B 288 -11.03 13.51 -32.09
C LEU B 288 -11.33 12.04 -32.33
N GLN B 289 -12.60 11.74 -32.57
CA GLN B 289 -13.06 10.36 -32.79
C GLN B 289 -12.52 9.74 -34.10
N GLU B 290 -12.24 10.57 -35.11
CA GLU B 290 -11.59 10.10 -36.35
C GLU B 290 -10.17 9.60 -36.11
N ARG B 291 -9.39 10.35 -35.35
CA ARG B 291 -8.05 9.93 -34.92
C ARG B 291 -8.11 8.70 -34.00
N TYR B 292 -9.10 8.67 -33.10
CA TYR B 292 -9.24 7.61 -32.10
C TYR B 292 -9.23 6.20 -32.69
N HIS B 293 -10.10 5.94 -33.67
CA HIS B 293 -10.24 4.58 -34.22
C HIS B 293 -8.96 4.09 -34.91
N ARG B 294 -8.26 5.03 -35.56
CA ARG B 294 -6.94 4.79 -36.14
C ARG B 294 -5.92 4.24 -35.12
N PHE B 295 -5.90 4.87 -33.93
CA PHE B 295 -5.05 4.41 -32.82
C PHE B 295 -5.61 3.19 -32.11
N ARG B 296 -6.91 3.21 -31.84
CA ARG B 296 -7.54 2.19 -31.00
C ARG B 296 -7.50 0.78 -31.60
N ASN B 297 -7.61 0.69 -32.92
CA ASN B 297 -7.57 -0.58 -33.66
C ASN B 297 -6.15 -1.04 -34.04
N ASP B 298 -5.14 -0.23 -33.73
CA ASP B 298 -3.75 -0.58 -34.01
C ASP B 298 -3.11 -1.15 -32.74
N GLU B 299 -3.37 -2.43 -32.49
CA GLU B 299 -2.93 -3.06 -31.24
C GLU B 299 -1.41 -3.12 -31.09
N ALA B 300 -0.68 -3.30 -32.20
CA ALA B 300 0.78 -3.35 -32.17
C ALA B 300 1.38 -2.01 -31.74
N PHE B 301 0.81 -0.92 -32.25
CA PHE B 301 1.22 0.43 -31.86
C PHE B 301 0.91 0.72 -30.38
N LEU B 302 -0.28 0.35 -29.92
CA LEU B 302 -0.65 0.53 -28.49
C LEU B 302 0.27 -0.28 -27.56
N GLN B 303 0.60 -1.50 -27.98
CA GLN B 303 1.55 -2.34 -27.25
C GLN B 303 2.93 -1.69 -27.16
N GLN B 304 3.41 -1.13 -28.27
CA GLN B 304 4.73 -0.48 -28.33
C GLN B 304 4.77 0.77 -27.43
N VAL B 305 3.72 1.58 -27.48
CA VAL B 305 3.61 2.79 -26.65
C VAL B 305 3.69 2.42 -25.16
N MET B 306 2.92 1.41 -24.75
CA MET B 306 2.94 0.92 -23.36
C MET B 306 4.30 0.37 -22.91
N LYS B 307 4.94 -0.39 -23.79
CA LYS B 307 6.27 -0.95 -23.52
C LYS B 307 7.30 0.16 -23.32
N ASP B 308 7.39 1.07 -24.29
CA ASP B 308 8.34 2.20 -24.26
C ASP B 308 8.11 3.11 -23.07
N GLY B 309 6.83 3.43 -22.81
CA GLY B 309 6.46 4.30 -21.72
C GLY B 309 6.78 3.76 -20.34
N ALA B 310 6.44 2.49 -20.11
CA ALA B 310 6.75 1.81 -18.86
C ALA B 310 8.27 1.73 -18.62
N GLU B 311 9.03 1.50 -19.69
CA GLU B 311 10.51 1.52 -19.61
C GLU B 311 11.02 2.88 -19.14
N LYS B 312 10.57 3.95 -19.78
CA LYS B 312 10.98 5.32 -19.43
C LYS B 312 10.56 5.69 -18.02
N ALA B 313 9.31 5.40 -17.68
CA ALA B 313 8.77 5.63 -16.32
C ALA B 313 9.55 4.86 -15.25
N SER B 314 9.77 3.57 -15.47
CA SER B 314 10.47 2.73 -14.49
C SER B 314 11.85 3.27 -14.14
N ALA B 315 12.58 3.72 -15.15
CA ALA B 315 13.90 4.33 -14.96
C ALA B 315 13.87 5.51 -13.99
N HIS B 316 12.90 6.41 -14.17
CA HIS B 316 12.68 7.54 -13.24
C HIS B 316 12.21 7.08 -11.85
N ALA B 317 11.18 6.24 -11.82
CA ALA B 317 10.57 5.80 -10.55
C ALA B 317 11.55 5.00 -9.69
N SER B 318 12.34 4.13 -10.32
CA SER B 318 13.32 3.33 -9.57
C SER B 318 14.37 4.20 -8.87
N ARG B 319 14.81 5.26 -9.55
CA ARG B 319 15.72 6.26 -8.98
C ARG B 319 15.16 6.87 -7.70
N THR B 320 13.93 7.36 -7.77
CA THR B 320 13.28 8.01 -6.63
C THR B 320 13.06 7.02 -5.49
N LEU B 321 12.53 5.83 -5.79
CA LEU B 321 12.24 4.84 -4.74
C LEU B 321 13.51 4.38 -4.00
N LYS B 322 14.60 4.24 -4.74
CA LYS B 322 15.92 3.92 -4.17
C LYS B 322 16.35 4.94 -3.13
N ALA B 323 16.22 6.23 -3.46
CA ALA B 323 16.51 7.32 -2.53
C ALA B 323 15.58 7.32 -1.31
N VAL B 324 14.30 7.04 -1.54
CA VAL B 324 13.29 6.96 -0.46
C VAL B 324 13.63 5.82 0.50
N TYR B 325 13.89 4.63 -0.05
CA TYR B 325 14.25 3.46 0.73
C TYR B 325 15.56 3.65 1.52
N GLU B 326 16.54 4.29 0.90
CA GLU B 326 17.81 4.58 1.59
C GLU B 326 17.57 5.54 2.77
N ALA B 327 16.76 6.57 2.54
CA ALA B 327 16.45 7.57 3.56
C ALA B 327 15.67 7.02 4.76
N ILE B 328 14.66 6.19 4.50
CA ILE B 328 13.85 5.65 5.62
C ILE B 328 14.59 4.59 6.43
N GLY B 329 15.59 3.93 5.84
CA GLY B 329 16.43 2.99 6.55
C GLY B 329 16.33 1.52 6.15
N PHE B 330 15.75 1.22 4.98
CA PHE B 330 15.69 -0.17 4.51
C PHE B 330 17.06 -0.63 4.03
N VAL B 331 17.34 -1.91 4.25
CA VAL B 331 18.48 -2.56 3.63
C VAL B 331 18.21 -2.55 2.12
N ALA B 332 19.18 -2.06 1.35
CA ALA B 332 19.06 -1.95 -0.10
C ALA B 332 19.04 -3.32 -0.74
N LYS B 333 18.13 -3.51 -1.68
CA LYS B 333 18.03 -4.74 -2.44
C LYS B 333 19.32 -5.01 -3.21
N ARG B 334 19.73 -6.28 -3.24
CA ARG B 334 20.91 -6.71 -3.98
C ARG B 334 20.62 -6.76 -5.48
N O8C C . 0.50 2.03 -3.19
C5 O8C C . 0.29 1.31 -2.34
C4 O8C C . -0.01 0.40 -1.26
C3 O8C C . -1.04 0.68 -0.38
C2 O8C C . -1.42 -0.23 0.58
C6 O8C C . 0.69 -0.80 -1.14
C7 O8C C . 0.32 -1.72 -0.19
C1 O8C C . -0.75 -1.45 0.66
O O8C C . -1.04 -2.45 1.55
C O8C C . -2.38 -2.55 2.04
S SO4 D . 5.88 -12.77 22.52
O1 SO4 D . 5.05 -11.77 23.22
O2 SO4 D . 7.30 -12.62 22.91
O3 SO4 D . 5.75 -12.57 21.06
O4 SO4 D . 5.42 -14.13 22.87
P TYM E . -10.29 11.29 -13.31
O1P TYM E . -9.79 10.15 -14.16
O2P TYM E . -11.58 11.14 -12.53
O5' TYM E . -10.37 12.63 -14.22
C5' TYM E . -9.25 12.99 -15.04
C4' TYM E . -8.94 14.48 -14.94
O4' TYM E . -10.09 15.21 -15.36
C1' TYM E . -10.44 16.19 -14.38
N9 TYM E . -11.92 16.35 -14.36
C4 TYM E . -12.56 17.45 -14.73
N3 TYM E . -12.17 18.67 -15.17
C2 TYM E . -13.08 19.63 -15.48
N1 TYM E . -14.41 19.43 -15.37
C6 TYM E . -14.93 18.26 -14.93
N6 TYM E . -16.26 18.07 -14.81
C5 TYM E . -13.99 17.16 -14.58
N7 TYM E . -14.08 15.91 -14.13
C8 TYM E . -12.83 15.42 -14.00
C2' TYM E . -9.84 15.73 -13.07
O2' TYM E . -9.49 16.85 -12.24
C3' TYM E . -8.62 14.97 -13.53
O3' TYM E . -7.50 15.87 -13.56
NH3 TYM E . -7.28 11.17 -9.13
CA TYM E . -7.37 11.47 -10.55
CB TYM E . -6.49 10.52 -11.36
CG TYM E . -5.08 10.53 -10.87
CD2 TYM E . -4.07 11.60 -10.96
CE2 TYM E . -2.86 11.06 -10.32
CE3 TYM E . -4.10 12.88 -11.50
CD1 TYM E . -4.44 9.49 -10.20
NE1 TYM E . -3.15 9.82 -9.89
CZ2 TYM E . -1.75 11.87 -10.25
CZ3 TYM E . -2.93 13.65 -11.42
CH2 TYM E . -1.77 13.16 -10.80
C TYM E . -8.78 11.28 -11.04
O TYM E . -9.61 10.69 -10.40
OPP TYM E . -9.11 11.83 -12.34
C1 EDO F . -15.57 11.76 -12.73
O1 EDO F . -14.72 12.72 -13.36
C2 EDO F . -15.67 11.99 -11.23
O2 EDO F . -15.80 10.73 -10.55
#